data_4EDX
#
_entry.id   4EDX
#
_cell.length_a   57.748
_cell.length_b   69.931
_cell.length_c   83.736
_cell.angle_alpha   104.34
_cell.angle_beta   94.13
_cell.angle_gamma   110.42
#
_symmetry.space_group_name_H-M   'P 1'
#
loop_
_entity.id
_entity.type
_entity.pdbx_description
1 polymer 'Beta-nerve growth factor'
2 polymer 'light chain of FAB of murine anti-NGF'
3 polymer 'heavy chain of Fab of murine anti-NGF'
4 water water
#
loop_
_entity_poly.entity_id
_entity_poly.type
_entity_poly.pdbx_seq_one_letter_code
_entity_poly.pdbx_strand_id
1 'polypeptide(L)'
;SSSHPIFHRGEFSVCDSVSVWVGDKTTATDIKGKEVMVLGEVNINNSVFKQYFFETKCRDPNPVDSGCRGIDSKHWNSYC
TTTHTFVKALTMDGKQAAWRFIRIDTACVCVLSRKAVRRA
;
W,V
2 'polypeptide(L)'
;DIQMTQTTSSLSASLGDRVTISCRASQDISNHLNWYQQKPDGTVKLLIYYISRFHSGVPSRFSGSGSGTDYSLTISNLEQ
EDIATYFCQQSKTLPYTFGGGTKLEIKRADAAPTVSIFPPSSEQLTSGGASVVCFLNNFYPKDINVKWKIDGSERQNGVL
NSWTDQDSKDSTYSMSSTLTLTKDEYERHNSYTCEATHKTSTSPIVKSFNRNEC
;
A,L
3 'polypeptide(L)'
;QVQLKESGPGLVAPSQSLSITCTVSGFSLIGYDINWVRQPPGKGLEWLGMIWGDGTTDYNSALKSRLSISKDNSKSQVFL
KMNSLRTDDTATYSCARGGYYYGTSYYFDYWGQGTTLTVSSASTTPPSVYPLAPVCGDTTGSSVTLGCLVKGYFPEPVTL
TWNSGSLSSGVHTFPAVLQSDLYTLSSSVTVTSSTWPSQSITCNVAHPASSTKVDKKIEPR
;
B,H
#
# COMPACT_ATOMS: atom_id res chain seq x y z
N GLY A 10 10.64 10.64 -16.62
CA GLY A 10 10.75 9.59 -15.56
C GLY A 10 9.45 9.41 -14.80
N GLU A 11 9.53 8.81 -13.61
CA GLU A 11 8.37 8.30 -12.85
C GLU A 11 8.39 8.73 -11.36
N PHE A 12 7.24 9.18 -10.86
CA PHE A 12 7.13 9.72 -9.50
C PHE A 12 6.00 9.04 -8.74
N SER A 13 6.07 9.10 -7.42
CA SER A 13 4.94 8.69 -6.59
C SER A 13 3.90 9.80 -6.60
N VAL A 14 2.62 9.44 -6.50
CA VAL A 14 1.55 10.41 -6.26
C VAL A 14 1.57 10.85 -4.80
N CYS A 15 1.90 9.91 -3.92
CA CYS A 15 2.02 10.19 -2.48
C CYS A 15 3.36 9.67 -2.00
N ASP A 16 4.14 10.51 -1.33
CA ASP A 16 5.48 10.12 -0.92
C ASP A 16 5.47 9.21 0.29
N SER A 17 6.01 8.01 0.11
CA SER A 17 6.04 7.00 1.14
C SER A 17 7.45 6.89 1.72
N VAL A 18 7.56 6.14 2.80
CA VAL A 18 8.83 5.87 3.46
C VAL A 18 8.73 4.50 4.12
N SER A 19 9.75 3.66 3.91
CA SER A 19 9.76 2.29 4.41
C SER A 19 10.91 2.08 5.39
N VAL A 20 10.63 1.35 6.47
CA VAL A 20 11.67 0.99 7.44
C VAL A 20 11.40 -0.38 8.03
N TRP A 21 12.41 -0.93 8.69
CA TRP A 21 12.26 -2.04 9.61
C TRP A 21 11.82 -1.51 10.98
N VAL A 22 10.95 -2.27 11.64
CA VAL A 22 10.45 -1.93 12.96
C VAL A 22 10.81 -3.07 13.88
N GLY A 23 11.76 -2.81 14.80
CA GLY A 23 12.24 -3.83 15.72
C GLY A 23 11.92 -3.58 17.18
N ASP A 24 11.20 -2.51 17.48
CA ASP A 24 10.91 -2.13 18.86
C ASP A 24 9.39 -2.04 19.12
N LYS A 25 8.61 -2.84 18.38
CA LYS A 25 7.17 -2.84 18.55
C LYS A 25 6.80 -3.55 19.84
N THR A 26 6.11 -2.83 20.73
CA THR A 26 5.64 -3.38 22.00
C THR A 26 4.14 -3.61 22.00
N THR A 27 3.38 -2.77 21.28
CA THR A 27 1.93 -2.93 21.20
C THR A 27 1.40 -2.83 19.77
N ALA A 28 0.16 -3.25 19.62
CA ALA A 28 -0.50 -3.32 18.33
C ALA A 28 -1.94 -3.71 18.53
N THR A 29 -2.79 -3.52 17.54
CA THR A 29 -4.16 -3.97 17.63
C THR A 29 -4.32 -5.14 16.67
N ASP A 30 -4.92 -6.23 17.14
CA ASP A 30 -5.08 -7.43 16.32
C ASP A 30 -6.31 -7.30 15.42
N ILE A 31 -6.52 -8.27 14.54
CA ILE A 31 -7.58 -8.22 13.52
C ILE A 31 -9.00 -8.22 14.10
N LYS A 32 -9.14 -8.74 15.32
CA LYS A 32 -10.41 -8.76 16.05
C LYS A 32 -10.68 -7.45 16.81
N GLY A 33 -9.85 -6.43 16.58
CA GLY A 33 -10.02 -5.13 17.22
C GLY A 33 -9.46 -4.94 18.62
N LYS A 34 -8.75 -5.94 19.14
CA LYS A 34 -8.25 -5.90 20.52
C LYS A 34 -6.81 -5.41 20.59
N GLU A 35 -6.53 -4.62 21.62
CA GLU A 35 -5.19 -4.10 21.87
C GLU A 35 -4.36 -5.20 22.52
N VAL A 36 -3.25 -5.58 21.88
CA VAL A 36 -2.40 -6.67 22.37
C VAL A 36 -0.94 -6.23 22.52
N MET A 37 -0.18 -7.04 23.25
CA MET A 37 1.23 -6.79 23.48
C MET A 37 2.03 -7.71 22.56
N VAL A 38 2.91 -7.12 21.77
CA VAL A 38 3.79 -7.85 20.87
C VAL A 38 5.12 -8.17 21.54
N LEU A 39 5.50 -9.44 21.56
CA LEU A 39 6.78 -9.84 22.16
C LEU A 39 7.98 -9.43 21.30
N GLY A 40 9.10 -9.18 21.96
CA GLY A 40 10.34 -8.85 21.26
C GLY A 40 11.00 -10.03 20.55
N GLU A 41 10.76 -11.24 21.04
CA GLU A 41 11.43 -12.44 20.50
C GLU A 41 10.44 -13.58 20.23
N VAL A 42 10.68 -14.32 19.15
CA VAL A 42 9.84 -15.43 18.73
C VAL A 42 10.63 -16.76 18.82
N ASN A 43 9.92 -17.86 19.07
CA ASN A 43 10.55 -19.18 19.18
C ASN A 43 9.87 -20.21 18.26
N ILE A 44 10.53 -20.53 17.14
CA ILE A 44 10.03 -21.51 16.18
C ILE A 44 11.03 -22.66 16.03
N ASN A 45 10.75 -23.76 16.72
CA ASN A 45 11.59 -24.97 16.68
C ASN A 45 13.05 -24.71 17.10
N ASN A 46 13.23 -24.40 18.38
CA ASN A 46 14.55 -24.11 18.96
C ASN A 46 15.36 -23.08 18.14
N SER A 47 14.66 -22.10 17.58
CA SER A 47 15.27 -21.05 16.75
C SER A 47 14.79 -19.68 17.22
N VAL A 48 15.70 -18.88 17.78
CA VAL A 48 15.35 -17.59 18.39
C VAL A 48 15.57 -16.43 17.41
N PHE A 49 14.47 -15.92 16.84
CA PHE A 49 14.50 -14.78 15.92
C PHE A 49 14.00 -13.52 16.63
N LYS A 50 14.67 -12.40 16.40
CA LYS A 50 14.15 -11.11 16.86
C LYS A 50 12.98 -10.71 15.95
N GLN A 51 11.89 -10.26 16.57
CA GLN A 51 10.63 -10.03 15.86
C GLN A 51 10.62 -8.67 15.17
N TYR A 52 10.77 -8.69 13.84
CA TYR A 52 10.91 -7.49 13.03
C TYR A 52 9.75 -7.32 12.04
N PHE A 53 9.47 -6.09 11.65
CA PHE A 53 8.35 -5.81 10.76
C PHE A 53 8.70 -4.81 9.67
N PHE A 54 8.28 -5.11 8.45
CA PHE A 54 8.52 -4.23 7.34
C PHE A 54 7.26 -3.37 7.19
N GLU A 55 7.42 -2.07 7.35
CA GLU A 55 6.32 -1.12 7.36
C GLU A 55 6.56 0.06 6.40
N THR A 56 5.49 0.52 5.76
CA THR A 56 5.53 1.69 4.88
C THR A 56 4.39 2.64 5.24
N LYS A 57 4.69 3.94 5.30
CA LYS A 57 3.68 4.95 5.59
C LYS A 57 3.96 6.24 4.83
N CYS A 58 3.11 7.24 5.03
CA CYS A 58 3.26 8.55 4.40
C CYS A 58 4.42 9.35 4.98
N ARG A 59 4.95 10.27 4.18
CA ARG A 59 5.98 11.21 4.58
C ARG A 59 5.32 12.57 4.87
N ASP A 60 4.64 12.67 6.01
CA ASP A 60 3.86 13.85 6.41
C ASP A 60 2.81 14.24 5.36
N SER A 66 -1.70 21.21 -2.51
CA SER A 66 -1.30 20.93 -1.14
C SER A 66 -1.85 19.58 -0.64
N GLY A 67 -2.30 18.73 -1.57
CA GLY A 67 -2.77 17.39 -1.25
C GLY A 67 -1.80 16.36 -1.80
N CYS A 68 -2.26 15.55 -2.76
CA CYS A 68 -1.38 14.59 -3.43
C CYS A 68 -0.80 15.22 -4.69
N ARG A 69 0.34 14.69 -5.12
CA ARG A 69 0.99 15.15 -6.34
C ARG A 69 0.21 14.73 -7.57
N GLY A 70 0.09 15.65 -8.52
CA GLY A 70 -0.47 15.37 -9.83
C GLY A 70 -1.98 15.27 -9.90
N ILE A 71 -2.67 15.69 -8.83
CA ILE A 71 -4.14 15.62 -8.77
C ILE A 71 -4.75 16.82 -9.46
N ASP A 72 -5.81 16.56 -10.22
CA ASP A 72 -6.62 17.63 -10.81
C ASP A 72 -7.41 18.31 -9.68
N SER A 73 -6.81 19.36 -9.13
CA SER A 73 -7.32 20.00 -7.91
C SER A 73 -8.53 20.90 -8.17
N LYS A 74 -8.83 21.16 -9.44
CA LYS A 74 -10.00 21.94 -9.80
C LYS A 74 -11.30 21.18 -9.50
N HIS A 75 -11.31 19.87 -9.77
CA HIS A 75 -12.52 19.05 -9.56
C HIS A 75 -12.40 18.07 -8.40
N TRP A 76 -11.25 18.06 -7.70
CA TRP A 76 -11.01 17.08 -6.63
C TRP A 76 -10.20 17.63 -5.44
N ASN A 77 -10.78 17.57 -4.23
CA ASN A 77 -10.00 17.59 -3.00
C ASN A 77 -9.24 16.27 -2.87
N SER A 78 -8.11 16.27 -2.18
CA SER A 78 -7.36 15.03 -1.98
C SER A 78 -6.36 15.09 -0.82
N TYR A 79 -6.03 13.93 -0.29
CA TYR A 79 -4.93 13.82 0.66
C TYR A 79 -4.29 12.44 0.71
N CYS A 80 -3.07 12.41 1.21
CA CYS A 80 -2.30 11.19 1.33
C CYS A 80 -2.57 10.52 2.66
N THR A 81 -2.80 9.21 2.63
CA THR A 81 -3.21 8.46 3.81
C THR A 81 -2.47 7.14 3.96
N THR A 82 -2.15 6.78 5.21
CA THR A 82 -1.49 5.52 5.51
C THR A 82 -2.50 4.40 5.61
N THR A 83 -2.35 3.39 4.75
CA THR A 83 -3.13 2.15 4.86
C THR A 83 -2.30 1.05 5.48
N HIS A 84 -2.97 -0.05 5.86
CA HIS A 84 -2.34 -1.09 6.68
C HIS A 84 -2.49 -2.48 6.09
N THR A 85 -1.79 -3.43 6.68
CA THR A 85 -1.95 -4.84 6.33
C THR A 85 -2.02 -5.63 7.63
N PHE A 86 -2.42 -6.89 7.54
CA PHE A 86 -2.35 -7.80 8.69
C PHE A 86 -1.23 -8.79 8.46
N VAL A 87 -0.36 -8.92 9.45
CA VAL A 87 0.72 -9.90 9.43
C VAL A 87 0.70 -10.68 10.75
N LYS A 88 1.00 -11.97 10.67
CA LYS A 88 1.05 -12.82 11.85
C LYS A 88 2.20 -12.40 12.77
N ALA A 89 1.96 -12.49 14.08
CA ALA A 89 2.93 -12.10 15.08
C ALA A 89 2.65 -12.79 16.41
N LEU A 90 3.71 -13.07 17.16
CA LEU A 90 3.58 -13.62 18.51
C LEU A 90 3.23 -12.49 19.49
N THR A 91 2.14 -12.69 20.24
CA THR A 91 1.49 -11.63 21.01
C THR A 91 0.94 -12.11 22.36
N MET A 92 0.30 -11.21 23.10
CA MET A 92 -0.19 -11.48 24.45
C MET A 92 -1.52 -10.75 24.72
N ASP A 93 -2.63 -11.49 24.71
CA ASP A 93 -3.94 -10.94 25.05
C ASP A 93 -4.19 -11.13 26.55
N GLY A 94 -3.57 -10.26 27.36
CA GLY A 94 -3.66 -10.35 28.80
C GLY A 94 -2.65 -11.34 29.39
N LYS A 95 -3.07 -12.59 29.53
CA LYS A 95 -2.22 -13.65 30.09
C LYS A 95 -1.99 -14.84 29.14
N GLN A 96 -2.61 -14.81 27.95
CA GLN A 96 -2.57 -15.94 27.01
C GLN A 96 -1.79 -15.60 25.74
N ALA A 97 -0.63 -16.25 25.58
CA ALA A 97 0.23 -16.04 24.40
C ALA A 97 -0.32 -16.77 23.17
N ALA A 98 -0.28 -16.12 22.02
CA ALA A 98 -0.81 -16.71 20.79
C ALA A 98 -0.30 -16.06 19.50
N TRP A 99 -0.46 -16.79 18.41
CA TRP A 99 -0.09 -16.36 17.06
C TRP A 99 -1.29 -15.59 16.46
N ARG A 100 -1.22 -14.26 16.47
CA ARG A 100 -2.32 -13.39 16.02
C ARG A 100 -1.94 -12.48 14.85
N PHE A 101 -2.89 -12.23 13.97
CA PHE A 101 -2.75 -11.21 12.94
C PHE A 101 -2.88 -9.83 13.55
N ILE A 102 -1.93 -8.94 13.26
CA ILE A 102 -1.94 -7.55 13.76
C ILE A 102 -1.84 -6.53 12.63
N ARG A 103 -2.32 -5.32 12.90
CA ARG A 103 -2.36 -4.23 11.94
C ARG A 103 -1.01 -3.48 11.95
N ILE A 104 -0.30 -3.46 10.81
CA ILE A 104 0.87 -2.59 10.67
C ILE A 104 0.73 -1.70 9.45
N ASP A 105 1.44 -0.58 9.43
CA ASP A 105 1.47 0.30 8.27
C ASP A 105 2.08 -0.45 7.10
N THR A 106 1.49 -0.28 5.93
CA THR A 106 1.95 -0.97 4.72
C THR A 106 2.00 -0.13 3.44
N ALA A 107 1.38 1.05 3.45
CA ALA A 107 1.31 1.89 2.24
C ALA A 107 0.89 3.32 2.49
N CYS A 108 1.15 4.16 1.50
CA CYS A 108 0.60 5.50 1.44
C CYS A 108 -0.17 5.61 0.14
N VAL A 109 -1.46 5.93 0.22
CA VAL A 109 -2.31 6.03 -0.97
C VAL A 109 -3.15 7.29 -0.95
N CYS A 110 -3.46 7.81 -2.13
CA CYS A 110 -4.24 9.02 -2.26
C CYS A 110 -5.73 8.71 -2.21
N VAL A 111 -6.49 9.55 -1.51
CA VAL A 111 -7.94 9.41 -1.48
C VAL A 111 -8.60 10.70 -1.94
N LEU A 112 -9.64 10.56 -2.78
CA LEU A 112 -10.29 11.70 -3.41
C LEU A 112 -11.53 12.14 -2.63
N SER A 113 -12.05 13.29 -3.01
CA SER A 113 -13.27 13.83 -2.42
C SER A 113 -13.80 14.90 -3.35
N ARG A 114 -15.06 14.79 -3.78
CA ARG A 114 -15.65 15.81 -4.65
C ARG A 114 -15.94 17.08 -3.83
N LYS A 115 -15.75 18.24 -4.46
CA LYS A 115 -15.91 19.52 -3.78
C LYS A 115 -17.38 19.91 -3.65
N ALA A 116 -17.68 20.77 -2.67
CA ALA A 116 -19.06 21.24 -2.41
C ALA A 116 -20.00 20.08 -2.09
N ASP B 1 27.06 -15.32 -10.36
CA ASP B 1 26.61 -13.94 -10.08
C ASP B 1 25.96 -13.34 -11.31
N ILE B 2 25.32 -12.20 -11.11
CA ILE B 2 24.80 -11.39 -12.20
C ILE B 2 25.82 -10.30 -12.53
N GLN B 3 26.42 -10.39 -13.73
CA GLN B 3 27.37 -9.40 -14.18
C GLN B 3 26.62 -8.18 -14.73
N MET B 4 27.07 -6.99 -14.31
CA MET B 4 26.59 -5.74 -14.87
C MET B 4 27.71 -5.11 -15.65
N THR B 5 27.44 -4.79 -16.91
CA THR B 5 28.47 -4.35 -17.84
C THR B 5 28.18 -2.96 -18.41
N GLN B 6 29.18 -2.08 -18.39
CA GLN B 6 29.11 -0.80 -19.06
C GLN B 6 30.24 -0.77 -20.10
N THR B 7 29.88 -1.11 -21.33
CA THR B 7 30.85 -1.36 -22.40
C THR B 7 31.65 -0.14 -22.81
N THR B 8 31.03 1.03 -22.79
CA THR B 8 31.74 2.30 -22.97
C THR B 8 31.92 2.95 -21.59
N SER B 9 33.18 3.02 -21.16
CA SER B 9 33.52 3.52 -19.83
C SER B 9 34.00 4.96 -19.89
N SER B 10 34.02 5.52 -21.10
CA SER B 10 34.40 6.92 -21.33
C SER B 10 33.45 7.53 -22.34
N LEU B 11 33.09 8.79 -22.12
CA LEU B 11 32.16 9.51 -22.97
C LEU B 11 32.50 10.97 -22.91
N SER B 12 32.32 11.67 -24.02
CA SER B 12 32.62 13.09 -24.09
C SER B 12 31.50 13.79 -24.84
N ALA B 13 30.91 14.80 -24.21
CA ALA B 13 29.80 15.55 -24.79
C ALA B 13 29.95 17.05 -24.51
N SER B 14 29.11 17.86 -25.16
CA SER B 14 29.13 19.31 -24.97
C SER B 14 27.91 19.76 -24.17
N LEU B 15 28.00 20.95 -23.59
CA LEU B 15 26.88 21.55 -22.85
C LEU B 15 25.64 21.61 -23.73
N GLY B 16 24.50 21.16 -23.18
CA GLY B 16 23.23 21.16 -23.89
C GLY B 16 22.91 19.86 -24.59
N ASP B 17 23.92 19.01 -24.76
CA ASP B 17 23.74 17.73 -25.46
C ASP B 17 22.97 16.74 -24.59
N ARG B 18 22.41 15.74 -25.25
CA ARG B 18 21.73 14.63 -24.59
C ARG B 18 22.66 13.43 -24.65
N VAL B 19 22.97 12.85 -23.50
CA VAL B 19 23.87 11.69 -23.44
C VAL B 19 23.18 10.50 -22.81
N THR B 20 23.52 9.31 -23.30
CA THR B 20 22.98 8.06 -22.82
C THR B 20 24.10 7.20 -22.26
N ILE B 21 24.00 6.85 -20.99
CA ILE B 21 24.84 5.85 -20.35
C ILE B 21 24.08 4.54 -20.42
N SER B 22 24.72 3.49 -20.89
CA SER B 22 24.04 2.21 -21.04
C SER B 22 24.61 1.21 -20.05
N CYS B 23 23.85 0.14 -19.84
CA CYS B 23 24.17 -0.87 -18.85
C CYS B 23 23.51 -2.16 -19.35
N ARG B 24 24.17 -3.28 -19.12
CA ARG B 24 23.68 -4.58 -19.56
C ARG B 24 23.80 -5.60 -18.43
N ALA B 25 22.70 -6.29 -18.13
CA ALA B 25 22.73 -7.36 -17.12
C ALA B 25 22.94 -8.68 -17.82
N SER B 26 23.62 -9.62 -17.15
CA SER B 26 23.96 -10.91 -17.75
C SER B 26 22.82 -11.92 -17.62
N GLN B 27 21.92 -11.68 -16.67
CA GLN B 27 20.62 -12.35 -16.61
C GLN B 27 19.53 -11.30 -16.41
N ASP B 28 18.28 -11.71 -16.57
CA ASP B 28 17.15 -10.81 -16.37
C ASP B 28 17.11 -10.34 -14.92
N ILE B 29 17.11 -9.01 -14.75
CA ILE B 29 16.98 -8.42 -13.41
C ILE B 29 15.63 -7.73 -13.24
N SER B 30 14.75 -7.90 -14.23
CA SER B 30 13.48 -7.18 -14.33
C SER B 30 13.71 -5.68 -14.07
N ASN B 31 13.14 -5.12 -13.02
CA ASN B 31 13.24 -3.69 -12.82
C ASN B 31 14.19 -3.26 -11.68
N HIS B 32 14.95 -4.22 -11.12
CA HIS B 32 15.74 -3.93 -9.93
C HIS B 32 17.09 -3.41 -10.39
N LEU B 33 17.10 -2.12 -10.70
CA LEU B 33 18.23 -1.49 -11.34
C LEU B 33 18.29 -0.06 -10.83
N ASN B 34 19.44 0.30 -10.28
CA ASN B 34 19.69 1.61 -9.73
C ASN B 34 20.83 2.29 -10.45
N TRP B 35 20.82 3.61 -10.44
CA TRP B 35 21.81 4.42 -11.11
C TRP B 35 22.42 5.37 -10.10
N TYR B 36 23.75 5.41 -10.05
CA TYR B 36 24.50 6.27 -9.15
C TYR B 36 25.41 7.23 -9.90
N GLN B 37 25.71 8.36 -9.26
CA GLN B 37 26.64 9.35 -9.76
C GLN B 37 27.75 9.55 -8.73
N GLN B 38 28.97 9.26 -9.13
CA GLN B 38 30.15 9.50 -8.32
C GLN B 38 30.89 10.71 -8.86
N LYS B 39 30.76 11.84 -8.19
CA LYS B 39 31.49 13.04 -8.59
C LYS B 39 32.99 12.87 -8.28
N PRO B 40 33.85 13.71 -8.86
CA PRO B 40 35.29 13.60 -8.64
C PRO B 40 35.72 13.90 -7.20
N ASP B 41 34.91 14.68 -6.47
CA ASP B 41 35.16 14.96 -5.05
C ASP B 41 35.04 13.70 -4.17
N GLY B 42 34.56 12.60 -4.74
CA GLY B 42 34.51 11.32 -4.08
C GLY B 42 33.10 10.88 -3.72
N THR B 43 32.19 11.85 -3.59
CA THR B 43 30.84 11.58 -3.09
C THR B 43 30.00 10.77 -4.08
N VAL B 44 29.09 9.96 -3.54
CA VAL B 44 28.21 9.12 -4.33
C VAL B 44 26.76 9.42 -4.00
N LYS B 45 25.93 9.48 -5.02
CA LYS B 45 24.55 9.95 -4.90
C LYS B 45 23.62 9.08 -5.75
N LEU B 46 22.55 8.57 -5.14
CA LEU B 46 21.54 7.79 -5.85
C LEU B 46 20.71 8.73 -6.74
N LEU B 47 20.71 8.48 -8.04
CA LEU B 47 19.92 9.27 -8.99
C LEU B 47 18.56 8.64 -9.25
N ILE B 48 18.57 7.38 -9.63
CA ILE B 48 17.38 6.70 -10.11
C ILE B 48 17.35 5.26 -9.61
N TYR B 49 16.19 4.79 -9.16
CA TYR B 49 15.98 3.40 -8.78
C TYR B 49 14.80 2.79 -9.52
N TYR B 50 14.63 1.46 -9.43
CA TYR B 50 13.55 0.71 -10.07
C TYR B 50 13.39 1.13 -11.54
N ILE B 51 14.50 1.02 -12.28
CA ILE B 51 14.65 1.48 -13.68
C ILE B 51 14.42 2.97 -13.97
N SER B 52 13.29 3.53 -13.54
CA SER B 52 12.87 4.87 -13.97
C SER B 52 12.45 5.84 -12.85
N ARG B 53 12.37 5.37 -11.60
CA ARG B 53 11.95 6.22 -10.48
C ARG B 53 13.02 7.21 -10.05
N PHE B 54 12.61 8.41 -9.63
CA PHE B 54 13.53 9.44 -9.14
C PHE B 54 13.67 9.41 -7.62
N HIS B 55 14.91 9.42 -7.12
CA HIS B 55 15.18 9.73 -5.72
C HIS B 55 14.90 11.23 -5.54
N SER B 56 14.38 11.60 -4.36
CA SER B 56 14.16 13.00 -4.03
C SER B 56 15.41 13.87 -4.24
N GLY B 57 15.20 15.11 -4.69
CA GLY B 57 16.30 16.04 -4.93
C GLY B 57 17.18 15.67 -6.12
N VAL B 58 16.56 15.21 -7.21
CA VAL B 58 17.27 14.83 -8.43
C VAL B 58 16.65 15.57 -9.64
N PRO B 59 17.48 16.21 -10.46
CA PRO B 59 17.00 16.98 -11.62
C PRO B 59 16.04 16.26 -12.60
N SER B 60 15.14 17.04 -13.19
CA SER B 60 14.22 16.59 -14.23
C SER B 60 14.96 16.01 -15.44
N ARG B 61 16.18 16.49 -15.68
CA ARG B 61 16.89 16.15 -16.91
C ARG B 61 17.49 14.73 -16.92
N PHE B 62 17.57 14.10 -15.74
CA PHE B 62 17.89 12.67 -15.65
C PHE B 62 16.64 11.83 -15.99
N SER B 63 16.87 10.65 -16.53
CA SER B 63 15.79 9.83 -17.09
C SER B 63 16.25 8.38 -17.21
N GLY B 64 15.38 7.44 -16.82
CA GLY B 64 15.73 6.03 -16.81
C GLY B 64 14.81 5.18 -17.68
N SER B 65 15.40 4.35 -18.53
CA SER B 65 14.63 3.44 -19.40
C SER B 65 15.25 2.04 -19.43
N GLY B 66 14.62 1.10 -20.13
CA GLY B 66 15.16 -0.24 -20.27
C GLY B 66 14.38 -1.19 -21.16
N SER B 67 15.12 -2.01 -21.92
CA SER B 67 14.57 -3.04 -22.78
C SER B 67 15.33 -4.36 -22.58
N GLY B 68 14.61 -5.40 -22.17
CA GLY B 68 15.20 -6.71 -21.91
C GLY B 68 16.17 -6.73 -20.74
N THR B 69 17.44 -7.00 -21.03
CA THR B 69 18.50 -6.89 -20.05
C THR B 69 19.32 -5.60 -20.25
N ASP B 70 18.80 -4.67 -21.04
CA ASP B 70 19.52 -3.42 -21.32
C ASP B 70 18.86 -2.23 -20.67
N TYR B 71 19.68 -1.37 -20.09
CA TYR B 71 19.21 -0.25 -19.27
C TYR B 71 20.02 1.00 -19.61
N SER B 72 19.33 2.12 -19.77
CA SER B 72 19.96 3.38 -20.12
C SER B 72 19.64 4.45 -19.08
N LEU B 73 20.60 5.32 -18.82
CA LEU B 73 20.41 6.57 -18.12
C LEU B 73 20.61 7.68 -19.16
N THR B 74 19.64 8.60 -19.26
CA THR B 74 19.69 9.69 -20.22
C THR B 74 19.73 11.02 -19.47
N ILE B 75 20.74 11.84 -19.77
CA ILE B 75 20.84 13.19 -19.23
C ILE B 75 20.54 14.13 -20.38
N SER B 76 19.38 14.75 -20.38
CA SER B 76 19.02 15.80 -21.34
C SER B 76 19.65 17.13 -20.89
N ASN B 77 19.88 18.04 -21.84
CA ASN B 77 20.37 19.38 -21.50
C ASN B 77 21.55 19.30 -20.51
N LEU B 78 22.67 18.79 -21.00
CA LEU B 78 23.85 18.55 -20.20
C LEU B 78 24.41 19.85 -19.59
N GLU B 79 24.53 19.88 -18.27
CA GLU B 79 25.06 21.05 -17.57
C GLU B 79 26.45 20.79 -17.02
N GLN B 80 27.15 21.86 -16.62
CA GLN B 80 28.55 21.76 -16.22
C GLN B 80 28.78 20.85 -15.01
N GLU B 81 27.82 20.80 -14.09
CA GLU B 81 27.94 20.00 -12.87
C GLU B 81 27.84 18.48 -13.08
N ASP B 82 27.55 18.04 -14.30
CA ASP B 82 27.38 16.62 -14.62
C ASP B 82 28.68 15.86 -14.88
N ILE B 83 29.82 16.53 -14.75
CA ILE B 83 31.10 15.83 -14.77
C ILE B 83 31.16 14.91 -13.54
N ALA B 84 31.10 13.62 -13.83
CA ALA B 84 31.01 12.58 -12.82
C ALA B 84 31.22 11.22 -13.48
N THR B 85 31.23 10.17 -12.69
CA THR B 85 31.17 8.81 -13.22
C THR B 85 29.80 8.25 -12.90
N TYR B 86 29.21 7.56 -13.86
CA TYR B 86 27.84 7.07 -13.76
C TYR B 86 27.87 5.56 -13.76
N PHE B 87 27.32 4.94 -12.72
CA PHE B 87 27.32 3.48 -12.65
C PHE B 87 26.00 2.89 -12.21
N CYS B 88 25.73 1.68 -12.68
CA CYS B 88 24.50 0.98 -12.38
C CYS B 88 24.75 -0.11 -11.35
N GLN B 89 23.66 -0.66 -10.83
CA GLN B 89 23.69 -1.69 -9.81
C GLN B 89 22.39 -2.47 -9.94
N GLN B 90 22.47 -3.80 -9.89
CA GLN B 90 21.26 -4.64 -9.85
C GLN B 90 20.97 -4.94 -8.38
N SER B 91 19.71 -4.79 -7.98
CA SER B 91 19.26 -5.14 -6.63
C SER B 91 18.29 -6.33 -6.64
N LYS B 92 18.32 -7.13 -7.71
CA LYS B 92 17.51 -8.34 -7.78
C LYS B 92 17.89 -9.38 -6.74
N THR B 93 19.17 -9.73 -6.69
CA THR B 93 19.62 -10.89 -5.91
C THR B 93 21.06 -10.71 -5.42
N LEU B 94 21.38 -11.34 -4.29
CA LEU B 94 22.73 -11.32 -3.74
C LEU B 94 23.63 -12.29 -4.52
N PRO B 95 24.89 -11.92 -4.78
CA PRO B 95 25.49 -10.64 -4.32
C PRO B 95 25.12 -9.47 -5.22
N TYR B 96 24.87 -8.30 -4.66
CA TYR B 96 24.63 -7.11 -5.46
C TYR B 96 25.88 -6.78 -6.27
N THR B 97 25.69 -6.41 -7.53
CA THR B 97 26.81 -6.12 -8.40
C THR B 97 26.62 -4.78 -9.07
N PHE B 98 27.75 -4.18 -9.47
CA PHE B 98 27.76 -2.87 -10.12
C PHE B 98 28.45 -2.95 -11.45
N GLY B 99 28.03 -2.09 -12.37
CA GLY B 99 28.78 -1.89 -13.61
C GLY B 99 30.02 -1.09 -13.32
N GLY B 100 31.02 -1.22 -14.19
CA GLY B 100 32.32 -0.57 -14.00
C GLY B 100 32.31 0.94 -14.14
N GLY B 101 31.21 1.48 -14.65
CA GLY B 101 31.00 2.93 -14.66
C GLY B 101 31.34 3.56 -15.99
N THR B 102 30.77 4.73 -16.21
CA THR B 102 31.01 5.52 -17.42
C THR B 102 31.36 6.95 -17.05
N LYS B 103 32.59 7.35 -17.33
CA LYS B 103 33.09 8.67 -16.96
C LYS B 103 32.69 9.68 -18.03
N LEU B 104 32.20 10.84 -17.61
CA LEU B 104 31.71 11.86 -18.53
C LEU B 104 32.61 13.10 -18.54
N GLU B 105 33.29 13.33 -19.67
CA GLU B 105 34.00 14.58 -19.94
C GLU B 105 33.01 15.58 -20.56
N ILE B 106 33.04 16.83 -20.10
CA ILE B 106 32.30 17.88 -20.76
C ILE B 106 33.25 18.74 -21.56
N LYS B 107 33.00 18.83 -22.87
CA LYS B 107 33.80 19.63 -23.79
C LYS B 107 33.76 21.12 -23.44
N ARG B 108 34.80 21.81 -23.86
CA ARG B 108 34.85 23.27 -23.79
C ARG B 108 35.77 23.81 -24.89
N ALA B 109 35.88 25.14 -24.96
CA ALA B 109 36.80 25.75 -25.91
C ALA B 109 38.24 25.41 -25.53
N ASP B 110 39.11 25.33 -26.54
CA ASP B 110 40.53 25.07 -26.32
C ASP B 110 41.16 26.17 -25.45
N ALA B 111 42.09 25.75 -24.60
CA ALA B 111 42.81 26.66 -23.69
C ALA B 111 44.26 26.23 -23.53
N ALA B 112 45.18 27.11 -23.87
CA ALA B 112 46.59 26.85 -23.64
C ALA B 112 46.84 26.83 -22.14
N PRO B 113 47.86 26.08 -21.72
CA PRO B 113 48.22 25.99 -20.30
C PRO B 113 49.08 27.15 -19.80
N THR B 114 48.86 27.55 -18.55
CA THR B 114 49.75 28.42 -17.81
C THR B 114 50.92 27.58 -17.31
N VAL B 115 52.13 27.87 -17.78
CA VAL B 115 53.30 27.09 -17.38
C VAL B 115 54.13 27.86 -16.37
N SER B 116 54.48 27.21 -15.26
CA SER B 116 55.44 27.78 -14.31
C SER B 116 56.43 26.70 -13.84
N ILE B 117 57.69 27.10 -13.76
CA ILE B 117 58.79 26.20 -13.38
C ILE B 117 59.39 26.64 -12.03
N PHE B 118 59.86 25.68 -11.26
CA PHE B 118 60.37 25.92 -9.91
C PHE B 118 61.65 25.11 -9.70
N PRO B 119 62.72 25.75 -9.23
CA PRO B 119 63.94 25.00 -8.90
C PRO B 119 63.71 24.17 -7.64
N PRO B 120 64.62 23.28 -7.31
CA PRO B 120 64.57 22.60 -6.02
C PRO B 120 64.60 23.59 -4.88
N SER B 121 63.85 23.30 -3.81
CA SER B 121 63.87 24.12 -2.62
C SER B 121 65.23 23.96 -1.95
N SER B 122 65.66 24.99 -1.21
CA SER B 122 66.91 24.96 -0.47
C SER B 122 66.91 23.81 0.55
N GLU B 123 65.75 23.57 1.16
CA GLU B 123 65.57 22.46 2.10
C GLU B 123 65.93 21.09 1.49
N GLN B 124 65.48 20.85 0.26
CA GLN B 124 65.67 19.55 -0.39
C GLN B 124 67.13 19.28 -0.74
N LEU B 125 67.86 20.33 -1.11
CA LEU B 125 69.28 20.20 -1.46
C LEU B 125 70.10 19.83 -0.24
N THR B 126 69.72 20.35 0.93
CA THR B 126 70.33 19.98 2.20
C THR B 126 70.20 18.47 2.46
N SER B 127 69.07 17.89 2.05
CA SER B 127 68.83 16.46 2.20
C SER B 127 69.69 15.58 1.28
N GLY B 128 69.93 16.05 0.05
CA GLY B 128 70.66 15.28 -0.94
C GLY B 128 69.95 15.13 -2.28
N GLY B 129 68.67 15.48 -2.32
CA GLY B 129 67.88 15.43 -3.55
C GLY B 129 67.67 16.79 -4.20
N ALA B 130 67.13 16.77 -5.42
CA ALA B 130 66.90 17.98 -6.18
C ALA B 130 65.83 17.74 -7.25
N SER B 131 64.59 18.10 -6.94
CA SER B 131 63.47 17.93 -7.86
C SER B 131 63.14 19.29 -8.49
N VAL B 132 62.90 19.28 -9.78
CA VAL B 132 62.54 20.48 -10.52
C VAL B 132 61.12 20.27 -10.98
N VAL B 133 60.24 21.20 -10.63
CA VAL B 133 58.81 21.01 -10.85
C VAL B 133 58.29 22.01 -11.86
N CYS B 134 57.41 21.52 -12.72
CA CYS B 134 56.76 22.33 -13.72
C CYS B 134 55.25 22.07 -13.72
N PHE B 135 54.47 23.10 -13.45
CA PHE B 135 53.03 22.98 -13.55
C PHE B 135 52.57 23.50 -14.90
N LEU B 136 51.63 22.78 -15.49
CA LEU B 136 50.95 23.18 -16.70
C LEU B 136 49.47 23.14 -16.38
N ASN B 137 48.88 24.32 -16.16
CA ASN B 137 47.55 24.41 -15.55
C ASN B 137 46.44 24.92 -16.48
N ASN B 138 45.26 24.33 -16.34
CA ASN B 138 44.03 24.84 -16.94
C ASN B 138 44.09 24.87 -18.46
N PHE B 139 44.29 23.69 -19.05
CA PHE B 139 44.28 23.55 -20.50
C PHE B 139 43.20 22.60 -20.98
N TYR B 140 42.88 22.71 -22.26
CA TYR B 140 41.99 21.76 -22.91
C TYR B 140 42.33 21.70 -24.41
N PRO B 141 42.33 20.52 -25.03
CA PRO B 141 41.98 19.23 -24.43
C PRO B 141 43.09 18.59 -23.59
N LYS B 142 42.85 17.38 -23.10
CA LYS B 142 43.70 16.78 -22.05
C LYS B 142 45.10 16.37 -22.53
N ASP B 143 45.26 16.08 -23.82
CA ASP B 143 46.54 15.63 -24.34
C ASP B 143 47.56 16.76 -24.44
N ILE B 144 48.77 16.48 -23.98
CA ILE B 144 49.83 17.46 -23.88
C ILE B 144 51.17 16.75 -23.70
N ASN B 145 52.25 17.43 -24.08
CA ASN B 145 53.58 16.86 -24.07
C ASN B 145 54.57 17.77 -23.35
N VAL B 146 55.35 17.20 -22.44
CA VAL B 146 56.37 17.97 -21.72
C VAL B 146 57.74 17.37 -21.99
N LYS B 147 58.65 18.22 -22.48
CA LYS B 147 60.05 17.86 -22.67
C LYS B 147 60.90 18.69 -21.71
N TRP B 148 61.88 18.05 -21.09
CA TRP B 148 62.84 18.74 -20.23
C TRP B 148 64.17 18.96 -20.94
N LYS B 149 64.90 19.96 -20.49
CA LYS B 149 66.24 20.24 -21.01
C LYS B 149 67.18 20.69 -19.89
N ILE B 150 68.41 20.22 -19.96
CA ILE B 150 69.50 20.68 -19.10
C ILE B 150 70.60 21.20 -20.02
N ASP B 151 70.85 22.51 -19.97
CA ASP B 151 71.82 23.19 -20.82
C ASP B 151 71.57 22.92 -22.31
N GLY B 152 70.29 23.04 -22.71
CA GLY B 152 69.89 22.88 -24.10
C GLY B 152 69.91 21.46 -24.63
N SER B 153 70.01 20.47 -23.74
CA SER B 153 70.11 19.06 -24.11
C SER B 153 68.94 18.29 -23.50
N GLU B 154 68.22 17.54 -24.33
CA GLU B 154 67.02 16.82 -23.89
C GLU B 154 67.33 15.85 -22.74
N ARG B 155 66.39 15.74 -21.82
CA ARG B 155 66.53 14.89 -20.65
C ARG B 155 65.25 14.10 -20.46
N GLN B 156 65.32 12.79 -20.67
CA GLN B 156 64.13 11.94 -20.69
C GLN B 156 63.91 11.15 -19.40
N ASN B 157 65.00 10.73 -18.78
CA ASN B 157 64.94 9.89 -17.59
C ASN B 157 64.81 10.71 -16.30
N GLY B 158 64.11 10.15 -15.33
CA GLY B 158 63.82 10.81 -14.06
C GLY B 158 62.59 11.71 -14.12
N VAL B 159 61.77 11.57 -15.16
CA VAL B 159 60.62 12.44 -15.38
C VAL B 159 59.32 11.71 -15.04
N LEU B 160 58.62 12.24 -14.05
CA LEU B 160 57.33 11.71 -13.60
C LEU B 160 56.29 12.79 -13.81
N ASN B 161 55.25 12.45 -14.56
CA ASN B 161 54.16 13.38 -14.84
C ASN B 161 52.93 12.97 -14.05
N SER B 162 51.97 13.87 -13.88
CA SER B 162 50.73 13.55 -13.18
C SER B 162 49.63 14.46 -13.67
N TRP B 163 48.44 13.89 -13.84
CA TRP B 163 47.31 14.60 -14.44
C TRP B 163 46.17 14.67 -13.46
N THR B 164 45.54 15.83 -13.33
CA THR B 164 44.34 15.95 -12.54
C THR B 164 43.18 15.38 -13.33
N ASP B 165 42.09 15.07 -12.63
CA ASP B 165 40.83 14.80 -13.30
C ASP B 165 40.27 16.13 -13.78
N GLN B 166 39.41 16.08 -14.79
CA GLN B 166 38.78 17.28 -15.30
C GLN B 166 38.15 18.10 -14.17
N ASP B 167 38.43 19.40 -14.19
CA ASP B 167 37.87 20.33 -13.24
C ASP B 167 36.37 20.45 -13.47
N SER B 168 35.58 20.34 -12.41
CA SER B 168 34.12 20.37 -12.55
C SER B 168 33.57 21.76 -12.88
N LYS B 169 34.25 22.81 -12.42
CA LYS B 169 33.79 24.18 -12.63
C LYS B 169 34.04 24.67 -14.05
N ASP B 170 35.28 24.57 -14.51
CA ASP B 170 35.68 25.17 -15.79
C ASP B 170 36.05 24.17 -16.90
N SER B 171 35.96 22.87 -16.63
CA SER B 171 36.21 21.80 -17.63
C SER B 171 37.64 21.65 -18.14
N THR B 172 38.59 22.36 -17.54
CA THR B 172 39.99 22.24 -17.95
C THR B 172 40.69 21.08 -17.25
N TYR B 173 41.90 20.80 -17.72
CA TYR B 173 42.77 19.78 -17.15
C TYR B 173 44.00 20.49 -16.62
N SER B 174 44.70 19.86 -15.69
CA SER B 174 46.00 20.36 -15.25
C SER B 174 46.97 19.19 -15.12
N MET B 175 48.26 19.52 -15.04
CA MET B 175 49.28 18.50 -15.09
C MET B 175 50.61 18.99 -14.52
N SER B 176 51.21 18.20 -13.62
CA SER B 176 52.56 18.48 -13.11
C SER B 176 53.57 17.51 -13.69
N SER B 177 54.72 18.02 -14.13
CA SER B 177 55.87 17.21 -14.50
C SER B 177 57.01 17.48 -13.53
N THR B 178 57.76 16.45 -13.18
CA THR B 178 58.83 16.56 -12.18
C THR B 178 60.09 15.85 -12.65
N LEU B 179 61.18 16.60 -12.77
CA LEU B 179 62.47 16.05 -13.10
C LEU B 179 63.27 15.90 -11.80
N THR B 180 63.54 14.66 -11.42
CA THR B 180 64.31 14.36 -10.22
C THR B 180 65.78 14.04 -10.55
N LEU B 181 66.68 14.62 -9.76
CA LEU B 181 68.11 14.40 -9.88
C LEU B 181 68.72 14.24 -8.52
N THR B 182 69.99 13.83 -8.50
CA THR B 182 70.78 13.88 -7.29
C THR B 182 71.31 15.30 -7.18
N LYS B 183 71.59 15.73 -5.95
CA LYS B 183 72.12 17.07 -5.70
C LYS B 183 73.36 17.37 -6.54
N ASP B 184 74.26 16.39 -6.66
CA ASP B 184 75.52 16.58 -7.39
C ASP B 184 75.30 16.92 -8.85
N GLU B 185 74.41 16.16 -9.51
CA GLU B 185 74.11 16.36 -10.92
C GLU B 185 73.51 17.75 -11.19
N TYR B 186 72.61 18.18 -10.30
CA TYR B 186 71.94 19.47 -10.40
C TYR B 186 72.93 20.65 -10.29
N GLU B 187 73.97 20.48 -9.48
CA GLU B 187 74.98 21.52 -9.27
C GLU B 187 76.01 21.60 -10.41
N ARG B 188 76.06 20.56 -11.24
CA ARG B 188 76.97 20.52 -12.39
C ARG B 188 76.40 21.20 -13.63
N HIS B 189 75.14 21.65 -13.56
CA HIS B 189 74.47 22.29 -14.69
C HIS B 189 73.79 23.59 -14.29
N ASN B 190 73.48 24.42 -15.29
CA ASN B 190 73.02 25.78 -15.03
C ASN B 190 71.59 26.05 -15.51
N SER B 191 71.32 25.78 -16.78
CA SER B 191 70.01 26.07 -17.38
C SER B 191 69.07 24.86 -17.30
N TYR B 192 67.87 25.09 -16.78
CA TYR B 192 66.84 24.05 -16.68
C TYR B 192 65.55 24.55 -17.31
N THR B 193 65.02 23.78 -18.25
CA THR B 193 63.88 24.22 -19.05
C THR B 193 62.76 23.17 -19.12
N CYS B 194 61.54 23.67 -19.00
CA CYS B 194 60.33 22.87 -19.14
C CYS B 194 59.62 23.35 -20.42
N GLU B 195 59.26 22.42 -21.29
CA GLU B 195 58.76 22.75 -22.64
C GLU B 195 57.46 22.03 -22.95
N ALA B 196 56.35 22.78 -22.91
CA ALA B 196 55.00 22.21 -23.09
C ALA B 196 54.47 22.40 -24.52
N THR B 197 54.09 21.29 -25.17
CA THR B 197 53.48 21.30 -26.50
C THR B 197 52.00 20.93 -26.41
N HIS B 198 51.15 21.72 -27.07
CA HIS B 198 49.71 21.55 -26.99
C HIS B 198 49.01 21.87 -28.31
N LYS B 199 47.87 21.25 -28.53
CA LYS B 199 47.00 21.54 -29.68
C LYS B 199 46.81 23.04 -29.97
N THR B 200 46.89 23.89 -28.94
CA THR B 200 46.67 25.33 -29.10
C THR B 200 47.80 26.10 -29.81
N SER B 201 48.92 25.44 -30.08
CA SER B 201 50.04 26.06 -30.79
C SER B 201 51.04 25.02 -31.33
N THR B 202 51.61 25.29 -32.50
CA THR B 202 52.67 24.44 -33.04
C THR B 202 54.01 24.70 -32.33
N SER B 203 54.18 25.93 -31.84
CA SER B 203 55.35 26.30 -31.04
C SER B 203 55.07 25.97 -29.57
N PRO B 204 56.02 25.32 -28.90
CA PRO B 204 55.84 24.95 -27.50
C PRO B 204 56.07 26.14 -26.56
N ILE B 205 55.31 26.22 -25.47
CA ILE B 205 55.53 27.25 -24.45
C ILE B 205 56.71 26.86 -23.59
N VAL B 206 57.69 27.75 -23.50
CA VAL B 206 58.94 27.47 -22.80
C VAL B 206 59.04 28.32 -21.54
N LYS B 207 59.38 27.66 -20.42
CA LYS B 207 59.73 28.35 -19.18
C LYS B 207 61.09 27.86 -18.71
N SER B 208 61.91 28.77 -18.20
CA SER B 208 63.29 28.45 -17.83
C SER B 208 63.75 29.17 -16.58
N PHE B 209 64.90 28.75 -16.08
CA PHE B 209 65.63 29.46 -15.04
C PHE B 209 67.09 29.06 -15.05
N ASN B 210 67.94 29.92 -14.51
CA ASN B 210 69.35 29.59 -14.32
C ASN B 210 69.62 29.44 -12.84
N ARG B 211 70.47 28.47 -12.49
CA ARG B 211 70.72 28.13 -11.10
C ARG B 211 71.52 29.23 -10.39
N ASN B 212 72.65 29.60 -10.96
CA ASN B 212 73.55 30.60 -10.37
C ASN B 212 73.10 32.06 -10.51
N GLU B 213 72.01 32.30 -11.26
CA GLU B 213 71.48 33.64 -11.43
C GLU B 213 70.46 33.97 -10.35
N CYS B 214 70.97 34.34 -9.18
CA CYS B 214 70.15 34.71 -8.02
C CYS B 214 71.04 35.22 -6.89
N GLN C 1 20.49 15.85 7.18
CA GLN C 1 20.90 15.26 8.47
C GLN C 1 20.90 13.74 8.37
N VAL C 2 21.65 13.21 7.41
CA VAL C 2 21.92 11.78 7.31
C VAL C 2 23.32 11.59 6.73
N GLN C 3 24.22 11.03 7.53
CA GLN C 3 25.57 10.75 7.05
C GLN C 3 26.12 9.44 7.59
N LEU C 4 27.13 8.92 6.89
CA LEU C 4 27.89 7.76 7.32
C LEU C 4 29.38 8.11 7.20
N LYS C 5 30.17 7.73 8.20
CA LYS C 5 31.59 8.02 8.23
C LYS C 5 32.36 6.77 8.60
N GLU C 6 33.32 6.42 7.77
CA GLU C 6 34.12 5.23 8.00
C GLU C 6 35.51 5.64 8.50
N SER C 7 36.01 4.89 9.48
CA SER C 7 37.33 5.11 10.06
C SER C 7 38.08 3.80 10.13
N GLY C 8 39.32 3.82 9.62
CA GLY C 8 40.12 2.62 9.54
C GLY C 8 41.60 2.89 9.54
N PRO C 9 42.39 1.82 9.63
CA PRO C 9 43.82 1.92 9.92
C PRO C 9 44.67 2.52 8.81
N GLY C 10 44.27 2.36 7.54
CA GLY C 10 45.03 2.92 6.44
C GLY C 10 46.08 1.97 5.90
N LEU C 11 46.79 1.28 6.80
CA LEU C 11 47.80 0.29 6.42
C LEU C 11 47.71 -0.96 7.29
N VAL C 12 47.70 -2.11 6.64
CA VAL C 12 47.83 -3.40 7.33
C VAL C 12 48.67 -4.35 6.47
N ALA C 13 49.50 -5.16 7.10
CA ALA C 13 50.37 -6.09 6.39
C ALA C 13 49.59 -7.34 5.96
N PRO C 14 50.05 -8.03 4.91
CA PRO C 14 49.44 -9.31 4.54
C PRO C 14 49.31 -10.25 5.73
N SER C 15 48.17 -10.96 5.81
CA SER C 15 47.87 -11.96 6.83
C SER C 15 47.40 -11.41 8.18
N GLN C 16 47.43 -10.10 8.37
CA GLN C 16 46.90 -9.48 9.57
C GLN C 16 45.42 -9.16 9.38
N SER C 17 44.75 -8.76 10.45
CA SER C 17 43.32 -8.53 10.41
C SER C 17 43.02 -7.07 10.14
N LEU C 18 41.76 -6.81 9.80
CA LEU C 18 41.30 -5.49 9.40
C LEU C 18 40.04 -5.16 10.20
N SER C 19 40.02 -3.98 10.79
CA SER C 19 38.82 -3.49 11.45
C SER C 19 38.51 -2.09 10.95
N ILE C 20 37.32 -1.94 10.38
CA ILE C 20 36.77 -0.64 10.05
C ILE C 20 35.44 -0.46 10.79
N THR C 21 35.17 0.73 11.29
CA THR C 21 33.85 1.02 11.86
C THR C 21 33.16 2.11 11.03
N CYS C 22 31.87 1.92 10.81
CA CYS C 22 31.03 2.92 10.16
C CYS C 22 30.26 3.59 11.26
N THR C 23 30.45 4.90 11.40
CA THR C 23 29.72 5.69 12.37
C THR C 23 28.60 6.38 11.62
N VAL C 24 27.40 6.21 12.16
CA VAL C 24 26.16 6.58 11.51
C VAL C 24 25.49 7.68 12.33
N SER C 25 24.80 8.59 11.65
CA SER C 25 24.02 9.62 12.30
C SER C 25 22.82 10.03 11.47
N GLY C 26 21.83 10.66 12.11
CA GLY C 26 20.63 11.11 11.44
C GLY C 26 19.59 10.02 11.25
N PHE C 27 19.88 8.82 11.74
CA PHE C 27 18.96 7.69 11.67
C PHE C 27 19.42 6.56 12.60
N SER C 28 18.54 5.59 12.82
CA SER C 28 18.78 4.54 13.78
C SER C 28 19.07 3.23 13.04
N LEU C 29 20.03 2.47 13.55
CA LEU C 29 20.43 1.21 12.93
C LEU C 29 19.41 0.10 13.15
N ILE C 30 18.54 0.27 14.13
CA ILE C 30 17.44 -0.65 14.34
C ILE C 30 16.56 -0.77 13.09
N GLY C 31 16.45 0.32 12.33
CA GLY C 31 15.51 0.40 11.22
C GLY C 31 16.07 0.22 9.80
N TYR C 32 17.39 0.19 9.65
CA TYR C 32 17.99 0.22 8.31
C TYR C 32 19.15 -0.77 8.09
N ASP C 33 19.16 -1.42 6.92
CA ASP C 33 20.30 -2.23 6.47
C ASP C 33 21.52 -1.35 6.30
N ILE C 34 22.70 -1.93 6.53
CA ILE C 34 23.94 -1.26 6.21
C ILE C 34 24.76 -2.18 5.31
N ASN C 35 25.23 -1.64 4.19
CA ASN C 35 26.02 -2.39 3.22
C ASN C 35 27.45 -1.93 3.24
N TRP C 36 28.34 -2.85 2.93
CA TRP C 36 29.75 -2.56 2.77
C TRP C 36 30.15 -2.82 1.34
N VAL C 37 31.01 -1.94 0.84
CA VAL C 37 31.34 -1.88 -0.57
C VAL C 37 32.84 -1.59 -0.67
N ARG C 38 33.43 -1.90 -1.82
CA ARG C 38 34.88 -1.83 -1.96
C ARG C 38 35.27 -1.47 -3.38
N GLN C 39 36.16 -0.50 -3.54
CA GLN C 39 36.66 -0.10 -4.85
C GLN C 39 38.19 -0.13 -4.88
N PRO C 40 38.80 -1.16 -5.48
CA PRO C 40 40.25 -1.17 -5.65
C PRO C 40 40.66 -0.07 -6.62
N PRO C 41 41.89 0.46 -6.50
CA PRO C 41 42.34 1.59 -7.33
C PRO C 41 42.17 1.34 -8.83
N GLY C 42 41.41 2.20 -9.51
CA GLY C 42 41.20 2.09 -10.94
C GLY C 42 40.40 0.88 -11.37
N LYS C 43 39.42 0.50 -10.53
CA LYS C 43 38.59 -0.66 -10.79
C LYS C 43 37.16 -0.44 -10.29
N GLY C 44 36.26 -1.35 -10.67
CA GLY C 44 34.85 -1.22 -10.35
C GLY C 44 34.50 -1.56 -8.92
N LEU C 45 33.33 -1.08 -8.49
CA LEU C 45 32.84 -1.33 -7.15
C LEU C 45 32.48 -2.79 -6.97
N GLU C 46 32.56 -3.24 -5.73
CA GLU C 46 32.33 -4.62 -5.38
C GLU C 46 31.61 -4.60 -4.03
N TRP C 47 30.45 -5.22 -3.98
CA TRP C 47 29.67 -5.39 -2.75
C TRP C 47 30.27 -6.50 -1.88
N LEU C 48 30.56 -6.16 -0.62
CA LEU C 48 31.19 -7.08 0.34
C LEU C 48 30.19 -7.88 1.18
N GLY C 49 29.16 -7.20 1.67
CA GLY C 49 28.18 -7.82 2.54
C GLY C 49 27.24 -6.78 3.14
N MET C 50 26.36 -7.21 4.02
CA MET C 50 25.46 -6.29 4.68
C MET C 50 24.98 -6.83 6.02
N ILE C 51 24.66 -5.92 6.94
CA ILE C 51 23.95 -6.28 8.14
C ILE C 51 22.55 -5.69 8.06
N TRP C 52 21.56 -6.58 8.04
CA TRP C 52 20.17 -6.17 7.95
C TRP C 52 19.77 -5.45 9.22
N GLY C 53 18.60 -4.84 9.19
CA GLY C 53 18.03 -4.20 10.37
C GLY C 53 17.98 -5.11 11.59
N ASP C 54 17.61 -6.38 11.39
CA ASP C 54 17.43 -7.35 12.48
C ASP C 54 18.70 -8.00 13.01
N GLY C 55 19.85 -7.59 12.48
CA GLY C 55 21.14 -8.06 12.96
C GLY C 55 21.74 -9.20 12.17
N THR C 56 20.92 -9.87 11.34
CA THR C 56 21.42 -10.97 10.49
C THR C 56 22.34 -10.41 9.43
N THR C 57 23.13 -11.29 8.81
CA THR C 57 24.13 -10.88 7.82
C THR C 57 24.15 -11.78 6.59
N ASP C 58 24.72 -11.24 5.51
CA ASP C 58 25.00 -11.99 4.29
C ASP C 58 26.30 -11.43 3.69
N TYR C 59 27.14 -12.31 3.19
CA TYR C 59 28.43 -11.90 2.66
C TYR C 59 28.61 -12.40 1.23
N ASN C 60 29.48 -11.71 0.50
CA ASN C 60 29.91 -12.15 -0.80
C ASN C 60 30.73 -13.43 -0.63
N SER C 61 30.33 -14.50 -1.31
CA SER C 61 31.01 -15.79 -1.22
C SER C 61 32.45 -15.76 -1.70
N ALA C 62 32.79 -14.78 -2.54
CA ALA C 62 34.15 -14.63 -3.06
C ALA C 62 35.16 -14.40 -1.94
N LEU C 63 34.69 -13.90 -0.82
CA LEU C 63 35.52 -13.61 0.33
C LEU C 63 35.85 -14.84 1.17
N LYS C 64 35.24 -15.97 0.87
CA LYS C 64 35.59 -17.23 1.50
C LYS C 64 35.49 -17.16 3.03
N SER C 65 34.44 -16.49 3.49
CA SER C 65 34.08 -16.42 4.92
C SER C 65 35.10 -15.64 5.75
N ARG C 66 35.93 -14.84 5.09
CA ARG C 66 36.97 -14.06 5.77
C ARG C 66 36.40 -12.79 6.35
N LEU C 67 35.22 -12.40 5.89
CA LEU C 67 34.59 -11.15 6.32
C LEU C 67 33.45 -11.42 7.29
N SER C 68 33.27 -10.50 8.22
CA SER C 68 32.16 -10.52 9.16
C SER C 68 31.71 -9.09 9.51
N ILE C 69 30.41 -8.91 9.67
CA ILE C 69 29.85 -7.63 10.08
C ILE C 69 29.02 -7.80 11.35
N SER C 70 29.19 -6.87 12.28
CA SER C 70 28.43 -6.86 13.51
C SER C 70 28.04 -5.41 13.83
N LYS C 71 27.06 -5.20 14.70
CA LYS C 71 26.65 -3.84 15.01
C LYS C 71 26.19 -3.64 16.44
N ASP C 72 26.30 -2.40 16.89
CA ASP C 72 25.78 -1.97 18.17
C ASP C 72 24.77 -0.85 17.91
N ASN C 73 23.48 -1.16 17.99
CA ASN C 73 22.44 -0.17 17.70
C ASN C 73 22.46 1.07 18.61
N SER C 74 22.73 0.88 19.90
CA SER C 74 22.76 2.02 20.83
C SER C 74 23.90 3.02 20.52
N LYS C 75 25.04 2.49 20.06
CA LYS C 75 26.22 3.33 19.78
C LYS C 75 26.28 3.85 18.35
N SER C 76 25.32 3.46 17.50
CA SER C 76 25.24 3.91 16.10
C SER C 76 26.47 3.51 15.29
N GLN C 77 26.96 2.28 15.47
CA GLN C 77 28.18 1.85 14.80
C GLN C 77 28.06 0.47 14.21
N VAL C 78 28.59 0.32 13.00
CA VAL C 78 28.69 -0.96 12.30
C VAL C 78 30.17 -1.30 12.19
N PHE C 79 30.48 -2.59 12.32
CA PHE C 79 31.88 -3.03 12.42
C PHE C 79 32.18 -4.04 11.32
N LEU C 80 33.06 -3.67 10.40
CA LEU C 80 33.60 -4.60 9.42
C LEU C 80 34.86 -5.26 9.99
N LYS C 81 34.97 -6.57 9.85
CA LYS C 81 36.19 -7.29 10.22
C LYS C 81 36.58 -8.23 9.10
N MET C 82 37.86 -8.27 8.78
CA MET C 82 38.37 -9.14 7.74
C MET C 82 39.66 -9.81 8.22
N ASN C 83 39.75 -11.12 8.07
CA ASN C 83 40.95 -11.85 8.42
C ASN C 83 41.80 -12.18 7.19
N SER C 84 43.08 -12.46 7.42
CA SER C 84 43.96 -13.02 6.39
C SER C 84 43.99 -12.15 5.13
N LEU C 85 44.31 -10.88 5.32
CA LEU C 85 44.32 -9.91 4.24
C LEU C 85 45.37 -10.27 3.19
N ARG C 86 45.11 -9.84 1.96
CA ARG C 86 46.04 -9.97 0.83
C ARG C 86 46.15 -8.63 0.15
N THR C 87 47.13 -8.49 -0.75
CA THR C 87 47.29 -7.27 -1.53
C THR C 87 46.03 -6.99 -2.36
N ASP C 88 45.27 -8.04 -2.69
CA ASP C 88 43.99 -7.92 -3.39
C ASP C 88 42.92 -7.14 -2.62
N ASP C 89 43.06 -7.05 -1.30
CA ASP C 89 42.13 -6.28 -0.47
C ASP C 89 42.45 -4.80 -0.41
N THR C 90 43.52 -4.39 -1.08
CA THR C 90 43.82 -2.98 -1.27
C THR C 90 42.64 -2.33 -1.99
N ALA C 91 41.96 -1.43 -1.30
CA ALA C 91 40.84 -0.72 -1.85
C ALA C 91 40.41 0.42 -0.94
N THR C 92 39.52 1.28 -1.45
CA THR C 92 38.70 2.15 -0.62
C THR C 92 37.45 1.38 -0.21
N TYR C 93 37.12 1.42 1.08
CA TYR C 93 36.00 0.70 1.64
C TYR C 93 34.96 1.73 2.05
N SER C 94 33.71 1.51 1.67
CA SER C 94 32.62 2.41 2.08
C SER C 94 31.41 1.64 2.62
N CYS C 95 30.70 2.28 3.55
CA CYS C 95 29.43 1.77 4.04
C CYS C 95 28.32 2.59 3.39
N ALA C 96 27.15 1.98 3.22
CA ALA C 96 26.02 2.64 2.58
C ALA C 96 24.71 2.15 3.19
N ARG C 97 23.76 3.06 3.37
CA ARG C 97 22.47 2.69 3.92
C ARG C 97 21.61 2.08 2.83
N GLY C 98 20.87 1.04 3.19
CA GLY C 98 19.91 0.43 2.30
C GLY C 98 18.61 1.19 2.43
N GLY C 99 17.92 1.39 1.33
CA GLY C 99 16.63 2.03 1.32
C GLY C 99 15.64 1.26 0.47
N TYR C 100 14.38 1.23 0.91
CA TYR C 100 13.35 0.45 0.28
C TYR C 100 12.26 1.33 -0.25
N TYR C 101 11.82 1.03 -1.47
CA TYR C 101 10.56 1.55 -1.99
C TYR C 101 9.58 0.41 -1.88
N TYR C 102 8.76 0.42 -0.84
CA TYR C 102 7.97 -0.74 -0.45
C TYR C 102 8.88 -1.96 -0.44
N GLY C 103 8.30 -3.16 -0.46
CA GLY C 103 9.08 -4.35 -0.69
C GLY C 103 9.31 -4.60 -2.18
N THR C 104 9.10 -3.57 -3.01
CA THR C 104 9.15 -3.73 -4.46
C THR C 104 10.56 -3.58 -5.03
N SER C 105 11.29 -2.53 -4.64
CA SER C 105 12.71 -2.39 -5.02
C SER C 105 13.62 -1.93 -3.86
N TYR C 106 14.92 -1.89 -4.13
CA TYR C 106 15.94 -1.68 -3.09
C TYR C 106 17.18 -0.99 -3.64
N TYR C 107 17.76 -0.11 -2.84
CA TYR C 107 18.85 0.77 -3.30
C TYR C 107 19.74 1.24 -2.14
N PHE C 108 20.83 1.92 -2.48
CA PHE C 108 21.71 2.48 -1.46
C PHE C 108 21.52 4.00 -1.46
N ASP C 109 20.66 4.49 -0.56
CA ASP C 109 20.30 5.92 -0.63
C ASP C 109 21.35 6.88 -0.06
N TYR C 110 22.19 6.41 0.86
CA TYR C 110 23.19 7.30 1.45
C TYR C 110 24.54 6.61 1.62
N TRP C 111 25.59 7.31 1.20
CA TRP C 111 26.91 6.70 1.07
C TRP C 111 27.91 7.47 1.89
N GLY C 112 28.76 6.73 2.60
CA GLY C 112 29.89 7.32 3.28
C GLY C 112 30.95 7.71 2.28
N GLN C 113 31.88 8.54 2.73
CA GLN C 113 32.97 9.07 1.90
C GLN C 113 33.94 8.00 1.41
N GLY C 114 34.32 7.10 2.30
CA GLY C 114 35.24 6.02 2.02
C GLY C 114 36.53 6.15 2.80
N THR C 115 37.01 5.06 3.37
CA THR C 115 38.37 5.00 3.95
C THR C 115 39.35 4.19 3.08
N THR C 116 40.49 4.79 2.77
CA THR C 116 41.48 4.14 1.92
C THR C 116 42.30 3.12 2.72
N LEU C 117 42.39 1.90 2.17
CA LEU C 117 43.18 0.82 2.77
C LEU C 117 44.19 0.25 1.80
N THR C 118 45.45 0.24 2.22
CA THR C 118 46.50 -0.38 1.46
C THR C 118 46.97 -1.59 2.24
N VAL C 119 47.11 -2.71 1.55
CA VAL C 119 47.65 -3.92 2.15
C VAL C 119 49.06 -4.15 1.60
N SER C 120 50.05 -4.07 2.47
CA SER C 120 51.46 -4.11 2.04
C SER C 120 52.41 -4.45 3.20
N SER C 121 53.58 -4.99 2.84
CA SER C 121 54.65 -5.23 3.82
C SER C 121 55.48 -3.97 4.16
N ALA C 122 55.43 -2.96 3.29
CA ALA C 122 56.20 -1.74 3.48
C ALA C 122 55.77 -1.02 4.74
N SER C 123 56.63 -0.13 5.22
CA SER C 123 56.41 0.58 6.47
C SER C 123 55.86 1.98 6.22
N THR C 124 55.10 2.49 7.19
CA THR C 124 54.68 3.88 7.20
C THR C 124 55.89 4.80 7.13
N THR C 125 55.91 5.66 6.11
CA THR C 125 56.93 6.69 5.96
C THR C 125 56.24 8.05 5.90
N PRO C 126 56.58 8.97 6.79
CA PRO C 126 56.03 10.34 6.71
C PRO C 126 56.62 11.11 5.53
N PRO C 127 55.88 12.09 5.00
CA PRO C 127 56.36 12.90 3.87
C PRO C 127 57.31 14.01 4.28
N SER C 128 58.34 14.24 3.48
CA SER C 128 59.07 15.51 3.55
C SER C 128 58.30 16.51 2.69
N VAL C 129 58.19 17.74 3.16
CA VAL C 129 57.44 18.78 2.48
C VAL C 129 58.35 19.94 2.15
N TYR C 130 58.34 20.32 0.87
CA TYR C 130 59.25 21.31 0.34
C TYR C 130 58.45 22.42 -0.33
N PRO C 131 58.84 23.68 -0.12
CA PRO C 131 58.19 24.81 -0.79
C PRO C 131 58.66 24.96 -2.23
N LEU C 132 57.83 25.57 -3.07
CA LEU C 132 58.17 25.82 -4.46
C LEU C 132 58.00 27.31 -4.74
N ALA C 133 59.08 28.06 -4.60
CA ALA C 133 59.06 29.49 -4.86
C ALA C 133 59.43 29.72 -6.32
N PRO C 134 58.86 30.75 -6.95
CA PRO C 134 59.15 31.02 -8.37
C PRO C 134 60.61 31.39 -8.71
N VAL C 135 60.83 31.64 -10.00
CA VAL C 135 62.14 31.92 -10.56
C VAL C 135 62.62 33.34 -10.22
N CYS C 136 63.94 33.54 -10.28
CA CYS C 136 64.54 34.86 -10.13
C CYS C 136 64.12 35.79 -11.27
N SER C 142 50.84 39.82 -13.21
CA SER C 142 49.44 39.40 -13.20
C SER C 142 49.17 38.47 -12.01
N SER C 143 49.01 37.17 -12.27
CA SER C 143 48.81 36.16 -11.22
C SER C 143 50.09 35.33 -11.07
N VAL C 144 50.40 34.95 -9.83
CA VAL C 144 51.60 34.18 -9.52
C VAL C 144 51.24 32.77 -9.07
N THR C 145 51.99 31.77 -9.53
CA THR C 145 51.76 30.37 -9.14
C THR C 145 52.83 29.88 -8.17
N LEU C 146 52.38 29.38 -7.03
CA LEU C 146 53.23 28.84 -5.97
C LEU C 146 52.97 27.34 -5.78
N GLY C 147 53.81 26.66 -5.01
CA GLY C 147 53.67 25.22 -4.89
C GLY C 147 54.23 24.54 -3.66
N CYS C 148 54.03 23.22 -3.66
CA CYS C 148 54.31 22.38 -2.52
C CYS C 148 54.61 20.98 -3.02
N LEU C 149 55.85 20.56 -2.88
CA LEU C 149 56.25 19.19 -3.20
C LEU C 149 56.17 18.36 -1.92
N VAL C 150 55.50 17.23 -2.02
CA VAL C 150 55.27 16.32 -0.90
C VAL C 150 55.88 14.97 -1.29
N LYS C 151 57.11 14.75 -0.87
CA LYS C 151 57.92 13.66 -1.37
C LYS C 151 58.08 12.52 -0.36
N GLY C 152 58.09 11.30 -0.85
CA GLY C 152 58.56 10.16 -0.08
C GLY C 152 57.72 9.72 1.11
N TYR C 153 56.42 9.54 0.91
CA TYR C 153 55.54 9.03 1.97
C TYR C 153 54.87 7.73 1.59
N PHE C 154 54.25 7.09 2.56
CA PHE C 154 53.54 5.83 2.35
C PHE C 154 52.77 5.50 3.64
N PRO C 155 51.54 4.98 3.56
CA PRO C 155 50.76 4.90 2.33
C PRO C 155 50.00 6.19 2.01
N GLU C 156 49.16 6.10 0.99
CA GLU C 156 48.16 7.10 0.69
C GLU C 156 47.06 7.09 1.75
N PRO C 157 46.27 8.17 1.83
CA PRO C 157 46.53 9.43 1.13
C PRO C 157 47.18 10.46 2.04
N VAL C 158 47.56 11.58 1.43
CA VAL C 158 47.77 12.83 2.13
C VAL C 158 46.64 13.76 1.70
N THR C 159 46.28 14.71 2.56
CA THR C 159 45.44 15.82 2.15
C THR C 159 46.28 17.09 2.18
N LEU C 160 45.99 17.98 1.24
CA LEU C 160 46.73 19.21 1.10
C LEU C 160 45.75 20.36 1.05
N THR C 161 45.89 21.33 1.95
CA THR C 161 45.15 22.59 1.86
C THR C 161 46.12 23.77 1.87
N TRP C 162 45.57 24.94 1.56
CA TRP C 162 46.33 26.18 1.56
C TRP C 162 45.66 27.17 2.48
N ASN C 163 46.47 27.83 3.33
CA ASN C 163 45.95 28.71 4.37
C ASN C 163 44.80 28.07 5.13
N SER C 164 45.02 26.84 5.55
CA SER C 164 44.05 26.04 6.31
C SER C 164 42.67 26.00 5.66
N GLY C 165 42.65 25.92 4.33
CA GLY C 165 41.42 25.82 3.56
C GLY C 165 40.91 27.09 2.93
N SER C 166 41.19 28.24 3.56
CA SER C 166 40.67 29.53 3.11
C SER C 166 41.05 29.90 1.68
N LEU C 167 42.25 29.51 1.27
CA LEU C 167 42.71 29.70 -0.10
C LEU C 167 42.32 28.49 -0.95
N SER C 168 41.09 28.49 -1.44
CA SER C 168 40.51 27.31 -2.09
C SER C 168 40.47 27.42 -3.61
N SER C 169 40.38 28.64 -4.14
CA SER C 169 40.34 28.86 -5.59
C SER C 169 41.71 28.63 -6.22
N GLY C 170 41.70 28.16 -7.46
CA GLY C 170 42.92 27.98 -8.24
C GLY C 170 43.88 26.98 -7.62
N VAL C 171 43.33 26.00 -6.91
CA VAL C 171 44.12 24.97 -6.24
C VAL C 171 44.10 23.71 -7.10
N HIS C 172 45.28 23.18 -7.39
CA HIS C 172 45.40 21.91 -8.09
C HIS C 172 46.31 20.99 -7.31
N THR C 173 45.73 19.94 -6.72
CA THR C 173 46.50 18.91 -6.06
C THR C 173 46.54 17.70 -6.99
N PHE C 174 47.73 17.39 -7.50
CA PHE C 174 47.90 16.35 -8.50
C PHE C 174 47.93 14.97 -7.82
N PRO C 175 47.36 13.96 -8.47
CA PRO C 175 47.42 12.59 -7.92
C PRO C 175 48.85 12.13 -7.70
N ALA C 176 49.06 11.37 -6.64
CA ALA C 176 50.40 10.91 -6.27
C ALA C 176 50.95 9.93 -7.31
N VAL C 177 52.27 9.86 -7.38
CA VAL C 177 52.96 8.87 -8.19
C VAL C 177 53.85 8.00 -7.31
N LEU C 178 53.87 6.71 -7.61
CA LEU C 178 54.56 5.70 -6.80
C LEU C 178 55.84 5.26 -7.49
N GLN C 179 56.98 5.54 -6.86
CA GLN C 179 58.26 5.03 -7.34
C GLN C 179 59.08 4.48 -6.18
N SER C 180 59.39 3.18 -6.25
CA SER C 180 60.22 2.51 -5.25
C SER C 180 59.56 2.54 -3.86
N ASP C 181 58.29 2.11 -3.82
CA ASP C 181 57.50 1.98 -2.58
C ASP C 181 57.23 3.31 -1.86
N LEU C 182 57.45 4.45 -2.53
CA LEU C 182 57.22 5.76 -1.94
C LEU C 182 56.41 6.67 -2.86
N TYR C 183 55.49 7.43 -2.28
CA TYR C 183 54.61 8.31 -3.02
C TYR C 183 55.16 9.74 -3.04
N THR C 184 55.01 10.40 -4.17
CA THR C 184 55.37 11.80 -4.33
C THR C 184 54.21 12.52 -4.99
N LEU C 185 53.91 13.71 -4.49
CA LEU C 185 52.75 14.46 -4.90
C LEU C 185 53.10 15.94 -4.95
N SER C 186 52.44 16.69 -5.82
CA SER C 186 52.62 18.14 -5.84
C SER C 186 51.27 18.84 -5.73
N SER C 187 51.31 20.07 -5.25
CA SER C 187 50.12 20.91 -5.23
C SER C 187 50.51 22.32 -5.67
N SER C 188 49.60 22.99 -6.38
CA SER C 188 49.78 24.37 -6.78
C SER C 188 48.59 25.22 -6.33
N VAL C 189 48.87 26.50 -6.11
CA VAL C 189 47.86 27.48 -5.80
C VAL C 189 48.15 28.75 -6.62
N THR C 190 47.10 29.35 -7.19
CA THR C 190 47.23 30.58 -7.96
C THR C 190 46.50 31.70 -7.23
N VAL C 191 47.27 32.70 -6.82
CA VAL C 191 46.74 33.85 -6.12
C VAL C 191 47.22 35.15 -6.74
N THR C 192 46.68 36.25 -6.21
CA THR C 192 46.93 37.57 -6.74
C THR C 192 48.34 38.03 -6.34
N SER C 193 48.95 38.85 -7.19
CA SER C 193 50.26 39.45 -6.92
C SER C 193 50.27 40.32 -5.66
N SER C 194 49.19 41.07 -5.43
CA SER C 194 49.07 41.91 -4.24
C SER C 194 48.88 41.07 -2.96
N THR C 195 48.49 39.81 -3.13
CA THR C 195 48.38 38.85 -2.04
C THR C 195 49.75 38.26 -1.63
N TRP C 196 50.61 37.97 -2.60
CA TRP C 196 51.93 37.39 -2.33
C TRP C 196 53.01 38.09 -3.15
N PRO C 197 54.19 38.37 -2.58
CA PRO C 197 54.63 37.87 -1.26
C PRO C 197 54.27 38.74 -0.06
N SER C 198 53.59 39.86 -0.26
CA SER C 198 53.27 40.79 0.83
C SER C 198 52.58 40.08 1.99
N GLN C 199 51.56 39.29 1.69
CA GLN C 199 50.88 38.45 2.68
C GLN C 199 51.39 37.01 2.57
N SER C 200 51.49 36.33 3.71
CA SER C 200 52.08 35.00 3.77
C SER C 200 51.18 33.92 3.19
N ILE C 201 51.78 32.93 2.53
CA ILE C 201 51.05 31.78 2.01
C ILE C 201 51.67 30.48 2.49
N THR C 202 50.85 29.64 3.10
CA THR C 202 51.31 28.46 3.80
C THR C 202 50.65 27.20 3.25
N CYS C 203 51.40 26.11 3.33
CA CYS C 203 51.00 24.84 2.76
C CYS C 203 50.76 23.90 3.91
N ASN C 204 49.53 23.39 4.04
CA ASN C 204 49.19 22.44 5.11
C ASN C 204 49.10 21.05 4.51
N VAL C 205 49.76 20.09 5.15
CA VAL C 205 49.85 18.74 4.63
C VAL C 205 49.60 17.74 5.75
N ALA C 206 48.45 17.08 5.70
CA ALA C 206 48.11 16.01 6.64
C ALA C 206 48.45 14.64 6.05
N HIS C 207 48.97 13.76 6.88
CA HIS C 207 49.21 12.35 6.53
C HIS C 207 48.74 11.46 7.68
N PRO C 208 47.47 11.09 7.67
CA PRO C 208 46.84 10.33 8.76
C PRO C 208 47.60 9.09 9.24
N ALA C 209 48.24 8.38 8.32
CA ALA C 209 48.88 7.10 8.64
C ALA C 209 50.06 7.24 9.60
N SER C 210 50.83 8.32 9.46
CA SER C 210 51.94 8.63 10.36
C SER C 210 51.55 9.67 11.42
N SER C 211 50.29 10.12 11.37
CA SER C 211 49.74 11.14 12.28
C SER C 211 50.56 12.43 12.28
N THR C 212 51.18 12.74 11.13
CA THR C 212 52.01 13.91 10.97
C THR C 212 51.19 15.02 10.33
N LYS C 213 51.49 16.27 10.72
CA LYS C 213 50.87 17.44 10.13
C LYS C 213 51.93 18.53 10.04
N VAL C 214 52.21 18.99 8.83
CA VAL C 214 53.29 19.94 8.61
C VAL C 214 52.74 21.15 7.87
N ASP C 215 53.30 22.32 8.19
CA ASP C 215 52.98 23.55 7.49
C ASP C 215 54.28 24.12 6.92
N LYS C 216 54.27 24.49 5.64
CA LYS C 216 55.44 25.08 5.02
C LYS C 216 55.08 26.39 4.35
N LYS C 217 55.62 27.47 4.88
CA LYS C 217 55.47 28.79 4.30
C LYS C 217 56.34 28.87 3.05
N ILE C 218 55.82 29.55 2.04
CA ILE C 218 56.53 29.75 0.78
C ILE C 218 57.21 31.13 0.82
N GLU C 219 58.54 31.13 0.77
CA GLU C 219 59.32 32.38 0.84
C GLU C 219 60.12 32.57 -0.44
N PRO C 220 60.25 33.81 -0.92
CA PRO C 220 61.02 34.08 -2.13
C PRO C 220 62.53 33.89 -1.93
N ARG C 221 63.28 33.94 -3.04
CA ARG C 221 64.73 33.75 -3.01
C ARG C 221 65.45 35.06 -2.72
N GLY D 10 -18.40 12.59 -0.56
CA GLY D 10 -17.77 11.34 -0.02
C GLY D 10 -16.34 11.18 -0.50
N GLU D 11 -15.80 9.96 -0.34
CA GLU D 11 -14.36 9.67 -0.50
C GLU D 11 -14.11 8.43 -1.41
N PHE D 12 -13.16 8.56 -2.32
CA PHE D 12 -12.86 7.52 -3.33
C PHE D 12 -11.39 7.14 -3.30
N SER D 13 -11.06 5.95 -3.79
CA SER D 13 -9.67 5.58 -4.03
C SER D 13 -9.24 6.20 -5.36
N VAL D 14 -7.98 6.60 -5.44
CA VAL D 14 -7.39 7.03 -6.70
C VAL D 14 -7.12 5.81 -7.59
N CYS D 15 -6.77 4.69 -6.95
CA CYS D 15 -6.56 3.43 -7.65
C CYS D 15 -7.37 2.32 -6.96
N ASP D 16 -8.18 1.59 -7.72
CA ASP D 16 -9.05 0.57 -7.12
C ASP D 16 -8.28 -0.66 -6.70
N SER D 17 -8.33 -0.97 -5.41
CA SER D 17 -7.63 -2.12 -4.86
C SER D 17 -8.61 -3.23 -4.49
N VAL D 18 -8.06 -4.40 -4.19
CA VAL D 18 -8.83 -5.56 -3.77
C VAL D 18 -7.97 -6.37 -2.81
N SER D 19 -8.55 -6.75 -1.66
CA SER D 19 -7.80 -7.49 -0.65
C SER D 19 -8.44 -8.87 -0.41
N VAL D 20 -7.59 -9.89 -0.23
CA VAL D 20 -8.03 -11.24 0.06
C VAL D 20 -7.08 -11.93 1.02
N TRP D 21 -7.55 -13.03 1.57
CA TRP D 21 -6.71 -14.01 2.22
C TRP D 21 -6.13 -14.93 1.16
N VAL D 22 -4.87 -15.32 1.34
CA VAL D 22 -4.19 -16.23 0.43
C VAL D 22 -3.71 -17.42 1.23
N GLY D 23 -4.35 -18.57 1.02
CA GLY D 23 -4.06 -19.79 1.77
C GLY D 23 -3.45 -20.91 0.94
N ASP D 24 -3.19 -20.66 -0.33
CA ASP D 24 -2.68 -21.71 -1.24
C ASP D 24 -1.35 -21.29 -1.89
N LYS D 25 -0.57 -20.48 -1.18
CA LYS D 25 0.73 -20.03 -1.66
C LYS D 25 1.73 -21.17 -1.58
N THR D 26 2.29 -21.54 -2.72
CA THR D 26 3.31 -22.58 -2.79
C THR D 26 4.71 -22.01 -3.06
N THR D 27 4.79 -20.93 -3.84
CA THR D 27 6.08 -20.30 -4.11
C THR D 27 6.06 -18.80 -3.86
N ALA D 28 7.25 -18.22 -3.84
CA ALA D 28 7.48 -16.82 -3.52
C ALA D 28 8.95 -16.50 -3.73
N THR D 29 9.28 -15.21 -3.81
CA THR D 29 10.68 -14.83 -3.83
C THR D 29 10.99 -14.14 -2.50
N ASP D 30 12.09 -14.53 -1.88
CA ASP D 30 12.46 -13.97 -0.59
C ASP D 30 13.19 -12.63 -0.78
N ILE D 31 13.52 -11.98 0.32
CA ILE D 31 14.09 -10.63 0.30
C ILE D 31 15.48 -10.58 -0.37
N LYS D 32 16.17 -11.71 -0.37
CA LYS D 32 17.50 -11.83 -0.97
C LYS D 32 17.43 -12.14 -2.48
N GLY D 33 16.23 -12.09 -3.05
CA GLY D 33 16.03 -12.33 -4.47
C GLY D 33 15.90 -13.77 -4.94
N LYS D 34 15.85 -14.71 -4.01
CA LYS D 34 15.82 -16.12 -4.35
C LYS D 34 14.39 -16.67 -4.38
N GLU D 35 14.15 -17.56 -5.35
CA GLU D 35 12.86 -18.22 -5.50
C GLU D 35 12.78 -19.38 -4.50
N VAL D 36 11.80 -19.32 -3.60
CA VAL D 36 11.68 -20.31 -2.55
C VAL D 36 10.29 -20.95 -2.51
N MET D 37 10.20 -22.06 -1.79
CA MET D 37 8.95 -22.80 -1.64
C MET D 37 8.37 -22.47 -0.28
N VAL D 38 7.11 -22.02 -0.26
CA VAL D 38 6.39 -21.70 0.97
C VAL D 38 5.55 -22.89 1.42
N LEU D 39 5.77 -23.36 2.64
CA LEU D 39 5.04 -24.51 3.18
C LEU D 39 3.59 -24.15 3.49
N GLY D 40 2.71 -25.13 3.42
CA GLY D 40 1.30 -24.94 3.74
C GLY D 40 1.02 -24.81 5.23
N GLU D 41 1.87 -25.40 6.06
CA GLU D 41 1.64 -25.45 7.51
C GLU D 41 2.87 -25.01 8.32
N VAL D 42 2.62 -24.29 9.41
CA VAL D 42 3.68 -23.81 10.29
C VAL D 42 3.57 -24.47 11.67
N ASN D 43 4.71 -24.62 12.35
CA ASN D 43 4.74 -25.24 13.68
C ASN D 43 5.47 -24.36 14.69
N ILE D 44 4.70 -23.71 15.56
CA ILE D 44 5.26 -22.85 16.61
C ILE D 44 4.82 -23.35 17.99
N ASN D 45 5.72 -24.07 18.65
CA ASN D 45 5.49 -24.61 19.99
C ASN D 45 4.26 -25.52 20.06
N ASN D 46 4.37 -26.69 19.41
CA ASN D 46 3.28 -27.68 19.37
C ASN D 46 1.91 -27.07 18.98
N SER D 47 1.94 -26.09 18.09
CA SER D 47 0.74 -25.41 17.62
C SER D 47 0.74 -25.35 16.10
N VAL D 48 -0.22 -26.03 15.48
CA VAL D 48 -0.27 -26.17 14.02
C VAL D 48 -1.23 -25.15 13.39
N PHE D 49 -0.65 -24.11 12.78
CA PHE D 49 -1.42 -23.08 12.09
C PHE D 49 -1.30 -23.23 10.57
N LYS D 50 -2.43 -23.08 9.87
CA LYS D 50 -2.43 -23.00 8.41
C LYS D 50 -1.82 -21.66 8.02
N GLN D 51 -0.86 -21.67 7.09
CA GLN D 51 -0.10 -20.47 6.74
C GLN D 51 -0.85 -19.59 5.75
N TYR D 52 -1.38 -18.48 6.25
CA TYR D 52 -2.26 -17.58 5.49
C TYR D 52 -1.64 -16.19 5.33
N PHE D 53 -1.98 -15.49 4.25
CA PHE D 53 -1.40 -14.17 3.96
C PHE D 53 -2.46 -13.15 3.58
N PHE D 54 -2.33 -11.95 4.13
CA PHE D 54 -3.24 -10.88 3.78
C PHE D 54 -2.53 -10.07 2.69
N GLU D 55 -3.15 -10.03 1.52
CA GLU D 55 -2.58 -9.36 0.34
C GLU D 55 -3.59 -8.40 -0.30
N THR D 56 -3.07 -7.28 -0.80
CA THR D 56 -3.87 -6.31 -1.54
C THR D 56 -3.16 -5.98 -2.86
N LYS D 57 -3.94 -5.84 -3.94
CA LYS D 57 -3.41 -5.49 -5.25
C LYS D 57 -4.41 -4.68 -6.07
N CYS D 58 -4.02 -4.34 -7.29
CA CYS D 58 -4.87 -3.55 -8.18
C CYS D 58 -6.02 -4.38 -8.74
N ARG D 59 -7.11 -3.70 -9.11
CA ARG D 59 -8.25 -4.31 -9.77
C ARG D 59 -8.14 -4.00 -11.27
N ASP D 60 -7.25 -4.74 -11.95
CA ASP D 60 -6.97 -4.55 -13.38
C ASP D 60 -6.54 -3.11 -13.70
N GLY D 67 -6.03 6.10 -16.91
CA GLY D 67 -5.01 5.71 -15.94
C GLY D 67 -5.58 5.60 -14.54
N CYS D 68 -5.15 6.48 -13.64
CA CYS D 68 -5.71 6.53 -12.28
C CYS D 68 -6.85 7.52 -12.24
N ARG D 69 -7.74 7.35 -11.27
CA ARG D 69 -8.88 8.23 -11.06
C ARG D 69 -8.41 9.58 -10.51
N GLY D 70 -8.97 10.66 -11.05
CA GLY D 70 -8.76 11.99 -10.53
C GLY D 70 -7.43 12.66 -10.87
N ILE D 71 -6.69 12.10 -11.82
CA ILE D 71 -5.39 12.64 -12.20
C ILE D 71 -5.55 13.74 -13.24
N ASP D 72 -4.76 14.79 -13.10
CA ASP D 72 -4.66 15.86 -14.09
C ASP D 72 -3.94 15.30 -15.33
N SER D 73 -4.73 14.77 -16.26
CA SER D 73 -4.20 14.03 -17.40
C SER D 73 -3.61 14.93 -18.48
N LYS D 74 -3.82 16.23 -18.36
CA LYS D 74 -3.24 17.20 -19.30
C LYS D 74 -1.72 17.29 -19.11
N HIS D 75 -1.26 17.29 -17.86
CA HIS D 75 0.17 17.40 -17.54
C HIS D 75 0.83 16.10 -17.09
N TRP D 76 0.05 15.03 -16.94
CA TRP D 76 0.58 13.77 -16.38
C TRP D 76 0.00 12.50 -17.02
N ASN D 77 0.87 11.67 -17.57
CA ASN D 77 0.57 10.25 -17.78
C ASN D 77 0.55 9.55 -16.42
N SER D 78 -0.23 8.48 -16.29
CA SER D 78 -0.30 7.75 -15.02
C SER D 78 -0.85 6.33 -15.16
N TYR D 79 -0.51 5.49 -14.19
CA TYR D 79 -1.14 4.18 -14.09
C TYR D 79 -1.08 3.60 -12.69
N CYS D 80 -1.96 2.64 -12.46
CA CYS D 80 -2.09 1.98 -11.18
C CYS D 80 -1.17 0.77 -11.13
N THR D 81 -0.45 0.60 -10.03
CA THR D 81 0.55 -0.44 -9.90
C THR D 81 0.52 -1.13 -8.54
N THR D 82 0.77 -2.43 -8.56
CA THR D 82 0.79 -3.22 -7.33
C THR D 82 2.15 -3.11 -6.68
N THR D 83 2.17 -2.64 -5.44
CA THR D 83 3.39 -2.65 -4.62
C THR D 83 3.34 -3.76 -3.59
N HIS D 84 4.48 -4.04 -2.96
CA HIS D 84 4.64 -5.24 -2.15
C HIS D 84 5.14 -4.95 -0.74
N THR D 85 5.10 -5.95 0.12
CA THR D 85 5.71 -5.86 1.43
C THR D 85 6.51 -7.14 1.69
N PHE D 86 7.34 -7.13 2.72
CA PHE D 86 8.02 -8.32 3.17
C PHE D 86 7.39 -8.79 4.48
N VAL D 87 6.99 -10.05 4.53
CA VAL D 87 6.43 -10.67 5.73
C VAL D 87 7.16 -11.98 5.97
N LYS D 88 7.41 -12.31 7.23
CA LYS D 88 8.11 -13.55 7.54
C LYS D 88 7.22 -14.77 7.29
N ALA D 89 7.85 -15.86 6.86
CA ALA D 89 7.14 -17.09 6.51
C ALA D 89 8.06 -18.30 6.56
N LEU D 90 7.50 -19.45 6.85
CA LEU D 90 8.25 -20.71 6.83
C LEU D 90 8.40 -21.17 5.37
N THR D 91 9.64 -21.46 4.98
CA THR D 91 10.01 -21.67 3.57
C THR D 91 11.06 -22.77 3.37
N MET D 92 11.45 -23.00 2.12
CA MET D 92 12.41 -24.03 1.76
C MET D 92 13.30 -23.57 0.61
N ASP D 93 14.56 -23.26 0.93
CA ASP D 93 15.57 -22.93 -0.08
C ASP D 93 16.31 -24.20 -0.50
N GLY D 94 15.67 -24.99 -1.36
CA GLY D 94 16.21 -26.27 -1.80
C GLY D 94 15.93 -27.40 -0.83
N LYS D 95 16.84 -27.60 0.13
CA LYS D 95 16.72 -28.65 1.14
C LYS D 95 16.71 -28.12 2.58
N GLN D 96 16.90 -26.82 2.76
CA GLN D 96 17.04 -26.22 4.10
C GLN D 96 15.84 -25.36 4.48
N ALA D 97 15.07 -25.81 5.47
CA ALA D 97 13.90 -25.07 5.96
C ALA D 97 14.30 -23.90 6.85
N ALA D 98 13.64 -22.76 6.67
CA ALA D 98 13.98 -21.56 7.45
C ALA D 98 12.87 -20.50 7.47
N TRP D 99 12.99 -19.60 8.44
CA TRP D 99 12.10 -18.46 8.62
C TRP D 99 12.63 -17.29 7.77
N ARG D 100 12.02 -17.06 6.61
CA ARG D 100 12.47 -16.04 5.65
C ARG D 100 11.41 -14.98 5.38
N PHE D 101 11.85 -13.75 5.14
CA PHE D 101 10.96 -12.69 4.64
C PHE D 101 10.72 -12.91 3.15
N ILE D 102 9.45 -12.87 2.74
CA ILE D 102 9.06 -13.01 1.33
C ILE D 102 8.21 -11.83 0.86
N ARG D 103 8.21 -11.63 -0.46
CA ARG D 103 7.52 -10.52 -1.10
C ARG D 103 6.07 -10.92 -1.39
N ILE D 104 5.11 -10.21 -0.79
CA ILE D 104 3.68 -10.39 -1.13
C ILE D 104 3.03 -9.07 -1.55
N ASP D 105 1.95 -9.16 -2.28
CA ASP D 105 1.21 -7.97 -2.69
C ASP D 105 0.64 -7.30 -1.45
N THR D 106 0.75 -5.98 -1.38
CA THR D 106 0.25 -5.22 -0.24
C THR D 106 -0.51 -3.94 -0.56
N ALA D 107 -0.45 -3.46 -1.80
CA ALA D 107 -1.08 -2.19 -2.12
C ALA D 107 -1.26 -1.95 -3.61
N CYS D 108 -2.13 -1.00 -3.93
CA CYS D 108 -2.25 -0.46 -5.28
C CYS D 108 -2.05 1.06 -5.20
N VAL D 109 -1.03 1.56 -5.89
CA VAL D 109 -0.68 2.98 -5.84
C VAL D 109 -0.49 3.56 -7.23
N CYS D 110 -0.74 4.86 -7.36
CA CYS D 110 -0.61 5.53 -8.64
C CYS D 110 0.82 6.02 -8.83
N VAL D 111 1.35 5.88 -10.03
CA VAL D 111 2.65 6.45 -10.35
C VAL D 111 2.57 7.37 -11.57
N LEU D 112 3.25 8.50 -11.48
CA LEU D 112 3.15 9.58 -12.45
C LEU D 112 4.26 9.47 -13.49
N SER D 113 4.11 10.25 -14.55
CA SER D 113 5.08 10.31 -15.64
C SER D 113 4.82 11.60 -16.42
N ARG D 114 5.84 12.44 -16.56
CA ARG D 114 5.70 13.67 -17.35
C ARG D 114 5.67 13.32 -18.85
N LYS D 115 4.84 14.02 -19.60
CA LYS D 115 4.65 13.74 -21.03
C LYS D 115 5.78 14.32 -21.88
N ALA D 116 5.90 13.82 -23.11
CA ALA D 116 6.87 14.31 -24.09
C ALA D 116 8.31 14.22 -23.59
N ASP E 1 -20.02 -5.10 25.30
CA ASP E 1 -20.13 -4.87 23.83
C ASP E 1 -20.18 -3.38 23.52
N ILE E 2 -20.05 -3.06 22.25
CA ILE E 2 -20.25 -1.71 21.76
C ILE E 2 -21.67 -1.61 21.22
N GLN E 3 -22.50 -0.79 21.87
CA GLN E 3 -23.87 -0.54 21.40
C GLN E 3 -23.87 0.49 20.27
N MET E 4 -24.62 0.18 19.21
CA MET E 4 -24.89 1.13 18.15
C MET E 4 -26.36 1.50 18.26
N THR E 5 -26.64 2.80 18.28
CA THR E 5 -27.98 3.31 18.53
C THR E 5 -28.47 4.21 17.37
N GLN E 6 -29.68 3.95 16.89
CA GLN E 6 -30.37 4.87 15.99
C GLN E 6 -31.65 5.33 16.68
N THR E 7 -31.59 6.51 17.30
CA THR E 7 -32.65 7.02 18.17
C THR E 7 -33.95 7.28 17.42
N THR E 8 -33.85 7.77 16.20
CA THR E 8 -35.03 7.91 15.35
C THR E 8 -35.07 6.73 14.36
N SER E 9 -36.03 5.83 14.57
CA SER E 9 -36.16 4.63 13.75
C SER E 9 -37.17 4.78 12.64
N SER E 10 -37.79 5.96 12.56
CA SER E 10 -38.78 6.27 11.54
C SER E 10 -38.52 7.68 11.04
N LEU E 11 -38.66 7.87 9.74
CA LEU E 11 -38.40 9.16 9.11
C LEU E 11 -39.27 9.27 7.87
N SER E 12 -39.71 10.48 7.56
CA SER E 12 -40.63 10.73 6.46
C SER E 12 -40.20 12.00 5.74
N ALA E 13 -39.93 11.88 4.43
CA ALA E 13 -39.43 12.98 3.63
C ALA E 13 -40.06 12.98 2.25
N SER E 14 -39.87 14.05 1.48
CA SER E 14 -40.44 14.16 0.13
C SER E 14 -39.34 14.02 -0.91
N LEU E 15 -39.73 13.73 -2.15
CA LEU E 15 -38.79 13.66 -3.27
C LEU E 15 -38.00 14.97 -3.39
N GLY E 16 -36.68 14.83 -3.55
CA GLY E 16 -35.79 15.98 -3.71
C GLY E 16 -35.20 16.48 -2.40
N ASP E 17 -35.76 16.05 -1.28
CA ASP E 17 -35.27 16.47 0.03
C ASP E 17 -33.94 15.81 0.36
N ARG E 18 -33.24 16.40 1.32
CA ARG E 18 -32.01 15.83 1.83
C ARG E 18 -32.30 15.30 3.24
N VAL E 19 -31.98 14.03 3.48
CA VAL E 19 -32.27 13.39 4.75
C VAL E 19 -31.00 12.86 5.39
N THR E 20 -30.99 12.91 6.71
CA THR E 20 -29.86 12.48 7.52
C THR E 20 -30.30 11.34 8.45
N ILE E 21 -29.67 10.19 8.28
CA ILE E 21 -29.80 9.07 9.21
C ILE E 21 -28.62 9.20 10.16
N SER E 22 -28.88 9.12 11.46
CA SER E 22 -27.84 9.27 12.45
C SER E 22 -27.61 7.95 13.16
N CYS E 23 -26.46 7.87 13.81
CA CYS E 23 -25.99 6.65 14.43
C CYS E 23 -25.03 7.07 15.54
N ARG E 24 -25.09 6.38 16.67
CA ARG E 24 -24.27 6.72 17.83
C ARG E 24 -23.62 5.46 18.36
N ALA E 25 -22.30 5.48 18.53
CA ALA E 25 -21.58 4.37 19.14
C ALA E 25 -21.44 4.63 20.65
N SER E 26 -21.42 3.58 21.46
CA SER E 26 -21.37 3.71 22.91
C SER E 26 -19.95 3.85 23.41
N GLN E 27 -18.99 3.42 22.58
CA GLN E 27 -17.57 3.72 22.78
C GLN E 27 -16.99 4.19 21.44
N ASP E 28 -15.80 4.77 21.48
CA ASP E 28 -15.15 5.25 20.26
C ASP E 28 -14.86 4.07 19.32
N ILE E 29 -15.34 4.17 18.09
CA ILE E 29 -15.08 3.15 17.08
C ILE E 29 -14.13 3.65 16.01
N SER E 30 -13.60 4.87 16.21
CA SER E 30 -12.84 5.62 15.19
C SER E 30 -13.59 5.59 13.86
N ASN E 31 -13.02 5.02 12.82
CA ASN E 31 -13.65 5.09 11.50
C ASN E 31 -14.32 3.78 11.05
N HIS E 32 -14.41 2.80 11.93
CA HIS E 32 -14.86 1.48 11.57
C HIS E 32 -16.37 1.45 11.67
N LEU E 33 -17.00 1.96 10.63
CA LEU E 33 -18.43 2.23 10.60
C LEU E 33 -18.91 2.04 9.19
N ASN E 34 -19.87 1.15 9.02
CA ASN E 34 -20.45 0.84 7.73
C ASN E 34 -21.93 1.16 7.73
N TRP E 35 -22.48 1.39 6.54
CA TRP E 35 -23.87 1.76 6.36
C TRP E 35 -24.48 0.79 5.37
N TYR E 36 -25.64 0.24 5.72
CA TYR E 36 -26.36 -0.71 4.86
C TYR E 36 -27.77 -0.22 4.57
N GLN E 37 -28.31 -0.70 3.45
CA GLN E 37 -29.66 -0.41 3.01
C GLN E 37 -30.37 -1.74 2.83
N GLN E 38 -31.43 -1.95 3.60
CA GLN E 38 -32.30 -3.10 3.46
C GLN E 38 -33.61 -2.65 2.84
N LYS E 39 -33.79 -2.98 1.57
CA LYS E 39 -35.04 -2.67 0.88
C LYS E 39 -36.16 -3.59 1.40
N PRO E 40 -37.42 -3.24 1.11
CA PRO E 40 -38.56 -4.05 1.58
C PRO E 40 -38.59 -5.44 0.96
N ASP E 41 -38.02 -5.58 -0.24
CA ASP E 41 -37.90 -6.88 -0.91
C ASP E 41 -37.06 -7.89 -0.12
N GLY E 42 -36.37 -7.41 0.92
CA GLY E 42 -35.59 -8.25 1.80
C GLY E 42 -34.10 -8.06 1.62
N THR E 43 -33.68 -7.62 0.44
CA THR E 43 -32.26 -7.58 0.09
C THR E 43 -31.47 -6.52 0.88
N VAL E 44 -30.20 -6.84 1.14
CA VAL E 44 -29.32 -5.97 1.89
C VAL E 44 -28.10 -5.61 1.04
N LYS E 45 -27.71 -4.35 1.09
CA LYS E 45 -26.66 -3.82 0.21
C LYS E 45 -25.75 -2.86 0.98
N LEU E 46 -24.45 -3.04 0.87
CA LEU E 46 -23.48 -2.13 1.50
C LEU E 46 -23.40 -0.82 0.72
N LEU E 47 -23.68 0.29 1.40
CA LEU E 47 -23.59 1.62 0.78
C LEU E 47 -22.25 2.27 1.03
N ILE E 48 -21.86 2.33 2.28
CA ILE E 48 -20.70 3.10 2.68
C ILE E 48 -19.93 2.36 3.76
N TYR E 49 -18.60 2.34 3.64
CA TYR E 49 -17.74 1.82 4.69
C TYR E 49 -16.70 2.84 5.15
N TYR E 50 -15.99 2.55 6.25
CA TYR E 50 -14.93 3.43 6.78
C TYR E 50 -15.41 4.89 6.89
N ILE E 51 -16.54 5.07 7.60
CA ILE E 51 -17.33 6.32 7.68
C ILE E 51 -17.79 6.98 6.37
N SER E 52 -16.92 7.16 5.37
CA SER E 52 -17.24 7.98 4.19
C SER E 52 -16.97 7.36 2.81
N ARG E 53 -16.32 6.19 2.77
CA ARG E 53 -15.94 5.54 1.51
C ARG E 53 -17.15 4.90 0.80
N PHE E 54 -17.17 4.94 -0.53
CA PHE E 54 -18.23 4.35 -1.32
C PHE E 54 -17.89 2.93 -1.75
N HIS E 55 -18.80 1.98 -1.54
CA HIS E 55 -18.71 0.69 -2.21
C HIS E 55 -19.09 0.91 -3.68
N SER E 56 -18.48 0.13 -4.57
CA SER E 56 -18.76 0.24 -6.01
C SER E 56 -20.26 0.09 -6.31
N GLY E 57 -20.72 0.81 -7.32
CA GLY E 57 -22.12 0.79 -7.73
C GLY E 57 -23.07 1.41 -6.72
N VAL E 58 -22.67 2.55 -6.15
CA VAL E 58 -23.47 3.29 -5.17
C VAL E 58 -23.61 4.76 -5.60
N PRO E 59 -24.83 5.31 -5.62
CA PRO E 59 -25.08 6.69 -6.07
C PRO E 59 -24.26 7.80 -5.39
N SER E 60 -23.96 8.84 -6.17
CA SER E 60 -23.30 10.06 -5.72
C SER E 60 -24.05 10.73 -4.56
N ARG E 61 -25.36 10.54 -4.51
CA ARG E 61 -26.21 11.27 -3.57
C ARG E 61 -26.09 10.76 -2.12
N PHE E 62 -25.58 9.55 -1.95
CA PHE E 62 -25.23 9.08 -0.61
C PHE E 62 -23.93 9.73 -0.15
N SER E 63 -23.79 9.86 1.16
CA SER E 63 -22.69 10.62 1.77
C SER E 63 -22.52 10.24 3.24
N GLY E 64 -21.29 10.03 3.67
CA GLY E 64 -21.03 9.62 5.04
C GLY E 64 -20.13 10.57 5.80
N SER E 65 -20.53 10.95 7.00
CA SER E 65 -19.71 11.82 7.85
C SER E 65 -19.69 11.33 9.32
N GLY E 66 -18.97 12.05 10.18
CA GLY E 66 -18.92 11.67 11.58
C GLY E 66 -18.15 12.60 12.50
N SER E 67 -18.68 12.80 13.70
CA SER E 67 -18.04 13.58 14.75
C SER E 67 -18.07 12.84 16.08
N GLY E 68 -16.89 12.53 16.64
CA GLY E 68 -16.78 11.81 17.90
C GLY E 68 -17.24 10.36 17.82
N THR E 69 -18.30 10.04 18.55
CA THR E 69 -18.95 8.74 18.46
C THR E 69 -20.26 8.85 17.69
N ASP E 70 -20.44 9.94 16.91
CA ASP E 70 -21.68 10.17 16.17
C ASP E 70 -21.42 10.14 14.66
N TYR E 71 -22.30 9.45 13.94
CA TYR E 71 -22.13 9.17 12.52
C TYR E 71 -23.43 9.39 11.76
N SER E 72 -23.34 10.04 10.61
CA SER E 72 -24.50 10.33 9.79
C SER E 72 -24.35 9.78 8.37
N LEU E 73 -25.45 9.30 7.82
CA LEU E 73 -25.58 9.02 6.40
C LEU E 73 -26.55 10.08 5.85
N THR E 74 -26.15 10.73 4.76
CA THR E 74 -26.93 11.80 4.16
C THR E 74 -27.28 11.44 2.72
N ILE E 75 -28.58 11.46 2.41
CA ILE E 75 -29.06 11.22 1.07
C ILE E 75 -29.54 12.55 0.54
N SER E 76 -28.80 13.12 -0.39
CA SER E 76 -29.23 14.33 -1.07
C SER E 76 -30.16 13.94 -2.21
N ASN E 77 -31.01 14.86 -2.64
CA ASN E 77 -31.86 14.62 -3.81
C ASN E 77 -32.56 13.24 -3.72
N LEU E 78 -33.48 13.14 -2.75
CA LEU E 78 -34.16 11.87 -2.44
C LEU E 78 -34.98 11.38 -3.63
N GLU E 79 -34.72 10.15 -4.06
CA GLU E 79 -35.42 9.57 -5.20
C GLU E 79 -36.36 8.46 -4.71
N GLN E 80 -37.28 8.04 -5.58
CA GLN E 80 -38.34 7.10 -5.22
C GLN E 80 -37.82 5.75 -4.74
N GLU E 81 -36.68 5.31 -5.29
CA GLU E 81 -36.09 4.01 -4.96
C GLU E 81 -35.43 3.93 -3.57
N ASP E 82 -35.36 5.06 -2.86
CA ASP E 82 -34.70 5.11 -1.55
C ASP E 82 -35.58 4.67 -0.38
N ILE E 83 -36.82 4.24 -0.66
CA ILE E 83 -37.64 3.60 0.36
C ILE E 83 -36.93 2.30 0.76
N ALA E 84 -36.46 2.28 2.01
CA ALA E 84 -35.66 1.19 2.56
C ALA E 84 -35.48 1.43 4.05
N THR E 85 -34.81 0.49 4.72
CA THR E 85 -34.36 0.71 6.09
C THR E 85 -32.85 0.88 6.03
N TYR E 86 -32.34 1.85 6.80
CA TYR E 86 -30.92 2.18 6.78
C TYR E 86 -30.32 1.88 8.14
N PHE E 87 -29.28 1.05 8.16
CA PHE E 87 -28.67 0.67 9.43
C PHE E 87 -27.15 0.73 9.41
N CYS E 88 -26.58 1.01 10.57
CA CYS E 88 -25.15 1.13 10.71
C CYS E 88 -24.58 -0.09 11.43
N GLN E 89 -23.27 -0.22 11.37
CA GLN E 89 -22.54 -1.34 11.93
C GLN E 89 -21.14 -0.86 12.29
N GLN E 90 -20.66 -1.23 13.47
CA GLN E 90 -19.27 -0.97 13.82
C GLN E 90 -18.46 -2.22 13.55
N SER E 91 -17.31 -2.05 12.87
CA SER E 91 -16.39 -3.15 12.58
C SER E 91 -15.07 -3.00 13.34
N LYS E 92 -15.09 -2.23 14.43
CA LYS E 92 -13.90 -2.06 15.26
C LYS E 92 -13.48 -3.36 15.95
N THR E 93 -14.43 -3.99 16.63
CA THR E 93 -14.12 -5.11 17.50
C THR E 93 -15.29 -6.09 17.65
N LEU E 94 -14.97 -7.34 17.94
CA LEU E 94 -15.97 -8.38 18.17
C LEU E 94 -16.58 -8.26 19.54
N PRO E 95 -17.88 -8.53 19.69
CA PRO E 95 -18.80 -8.87 18.59
C PRO E 95 -19.22 -7.67 17.76
N TYR E 96 -19.32 -7.82 16.43
CA TYR E 96 -19.84 -6.76 15.59
C TYR E 96 -21.31 -6.48 15.94
N THR E 97 -21.68 -5.21 15.97
CA THR E 97 -23.02 -4.79 16.36
C THR E 97 -23.62 -3.86 15.31
N PHE E 98 -24.95 -3.84 15.26
CA PHE E 98 -25.68 -3.02 14.31
C PHE E 98 -26.65 -2.12 15.05
N GLY E 99 -26.93 -0.95 14.49
CA GLY E 99 -28.01 -0.11 14.95
C GLY E 99 -29.34 -0.73 14.57
N GLY E 100 -30.40 -0.38 15.29
CA GLY E 100 -31.73 -0.91 15.07
C GLY E 100 -32.38 -0.49 13.76
N GLY E 101 -31.80 0.50 13.09
CA GLY E 101 -32.21 0.87 11.75
C GLY E 101 -33.18 2.05 11.74
N THR E 102 -33.24 2.73 10.61
CA THR E 102 -34.15 3.85 10.41
C THR E 102 -34.90 3.64 9.13
N LYS E 103 -36.22 3.52 9.24
CA LYS E 103 -37.10 3.27 8.10
C LYS E 103 -37.48 4.59 7.40
N LEU E 104 -37.40 4.62 6.08
CA LEU E 104 -37.66 5.84 5.32
C LEU E 104 -38.95 5.77 4.49
N GLU E 105 -39.94 6.54 4.89
CA GLU E 105 -41.15 6.74 4.09
C GLU E 105 -40.88 7.89 3.14
N ILE E 106 -41.29 7.73 1.89
CA ILE E 106 -41.27 8.84 0.95
C ILE E 106 -42.71 9.32 0.76
N LYS E 107 -42.93 10.60 1.06
CA LYS E 107 -44.24 11.23 0.91
C LYS E 107 -44.70 11.24 -0.55
N ARG E 108 -46.01 11.35 -0.73
CA ARG E 108 -46.62 11.57 -2.04
C ARG E 108 -47.97 12.30 -1.86
N ALA E 109 -48.63 12.63 -2.96
CA ALA E 109 -49.96 13.25 -2.89
C ALA E 109 -50.97 12.27 -2.28
N ASP E 110 -51.97 12.80 -1.59
CA ASP E 110 -53.06 11.99 -1.03
C ASP E 110 -53.76 11.15 -2.09
N ALA E 111 -54.11 9.92 -1.72
CA ALA E 111 -54.83 9.00 -2.60
C ALA E 111 -55.87 8.22 -1.80
N ALA E 112 -57.14 8.32 -2.20
CA ALA E 112 -58.18 7.50 -1.62
C ALA E 112 -57.98 6.04 -2.02
N PRO E 113 -58.43 5.11 -1.20
CA PRO E 113 -58.27 3.70 -1.50
C PRO E 113 -59.34 3.16 -2.44
N THR E 114 -58.96 2.21 -3.30
CA THR E 114 -59.91 1.39 -4.04
C THR E 114 -60.38 0.29 -3.09
N VAL E 115 -61.67 0.27 -2.79
CA VAL E 115 -62.24 -0.72 -1.87
C VAL E 115 -63.01 -1.79 -2.63
N SER E 116 -62.72 -3.07 -2.32
CA SER E 116 -63.46 -4.19 -2.84
C SER E 116 -63.79 -5.17 -1.70
N ILE E 117 -65.02 -5.70 -1.71
CA ILE E 117 -65.48 -6.68 -0.71
C ILE E 117 -65.80 -8.03 -1.38
N PHE E 118 -65.58 -9.12 -0.64
CA PHE E 118 -65.70 -10.48 -1.14
C PHE E 118 -66.37 -11.37 -0.10
N PRO E 119 -67.47 -12.02 -0.46
CA PRO E 119 -68.09 -12.98 0.45
C PRO E 119 -67.21 -14.22 0.64
N PRO E 120 -67.53 -15.08 1.59
CA PRO E 120 -66.80 -16.34 1.75
C PRO E 120 -66.87 -17.18 0.48
N SER E 121 -65.78 -17.87 0.15
CA SER E 121 -65.80 -18.80 -0.97
C SER E 121 -66.74 -19.94 -0.65
N SER E 122 -67.30 -20.57 -1.68
CA SER E 122 -68.16 -21.74 -1.48
C SER E 122 -67.36 -22.89 -0.83
N GLU E 123 -66.09 -23.02 -1.20
CA GLU E 123 -65.19 -24.00 -0.59
C GLU E 123 -65.10 -23.88 0.94
N GLN E 124 -64.98 -22.65 1.44
CA GLN E 124 -64.81 -22.40 2.87
C GLN E 124 -66.05 -22.73 3.67
N LEU E 125 -67.22 -22.48 3.10
CA LEU E 125 -68.49 -22.77 3.76
C LEU E 125 -68.68 -24.29 3.93
N THR E 126 -68.23 -25.06 2.96
CA THR E 126 -68.24 -26.51 3.06
C THR E 126 -67.40 -26.98 4.27
N SER E 127 -66.32 -26.27 4.57
CA SER E 127 -65.46 -26.60 5.71
C SER E 127 -66.11 -26.30 7.07
N GLY E 128 -66.88 -25.21 7.14
CA GLY E 128 -67.50 -24.77 8.37
C GLY E 128 -67.22 -23.32 8.77
N GLY E 129 -66.26 -22.69 8.09
CA GLY E 129 -65.93 -21.29 8.32
C GLY E 129 -66.53 -20.36 7.28
N ALA E 130 -66.39 -19.05 7.51
CA ALA E 130 -66.90 -18.04 6.60
C ALA E 130 -66.22 -16.70 6.84
N SER E 131 -65.20 -16.41 6.06
CA SER E 131 -64.44 -15.17 6.18
C SER E 131 -64.88 -14.22 5.07
N VAL E 132 -65.03 -12.96 5.43
CA VAL E 132 -65.47 -11.91 4.53
C VAL E 132 -64.31 -10.96 4.42
N VAL E 133 -63.85 -10.70 3.21
CA VAL E 133 -62.61 -10.00 2.98
C VAL E 133 -62.86 -8.67 2.30
N CYS E 134 -62.12 -7.66 2.76
CA CYS E 134 -62.19 -6.34 2.19
C CYS E 134 -60.78 -5.81 1.94
N PHE E 135 -60.47 -5.53 0.68
CA PHE E 135 -59.20 -4.89 0.33
C PHE E 135 -59.43 -3.38 0.23
N LEU E 136 -58.47 -2.64 0.80
CA LEU E 136 -58.38 -1.21 0.62
C LEU E 136 -56.99 -0.91 0.06
N ASN E 137 -56.91 -0.63 -1.23
CA ASN E 137 -55.64 -0.64 -1.94
C ASN E 137 -55.19 0.75 -2.41
N ASN E 138 -53.88 1.01 -2.28
CA ASN E 138 -53.24 2.14 -2.93
C ASN E 138 -53.72 3.49 -2.41
N PHE E 139 -53.59 3.69 -1.10
CA PHE E 139 -53.98 4.94 -0.48
C PHE E 139 -52.79 5.60 0.20
N TYR E 140 -52.90 6.91 0.42
CA TYR E 140 -51.92 7.65 1.18
C TYR E 140 -52.61 8.85 1.86
N PRO E 141 -52.33 9.11 3.14
CA PRO E 141 -51.27 8.48 3.92
C PRO E 141 -51.69 7.14 4.55
N LYS E 142 -50.87 6.57 5.42
CA LYS E 142 -51.08 5.20 5.91
C LYS E 142 -52.27 4.99 6.84
N ASP E 143 -52.65 6.02 7.58
CA ASP E 143 -53.73 5.88 8.55
C ASP E 143 -55.10 5.78 7.89
N ILE E 144 -55.88 4.81 8.38
CA ILE E 144 -57.16 4.49 7.79
C ILE E 144 -57.98 3.65 8.77
N ASN E 145 -59.30 3.71 8.67
CA ASN E 145 -60.19 3.03 9.62
C ASN E 145 -61.23 2.20 8.87
N VAL E 146 -61.39 0.94 9.27
CA VAL E 146 -62.37 0.05 8.65
C VAL E 146 -63.38 -0.40 9.68
N LYS E 147 -64.66 -0.15 9.40
CA LYS E 147 -65.77 -0.61 10.22
C LYS E 147 -66.56 -1.64 9.43
N TRP E 148 -66.97 -2.71 10.11
CA TRP E 148 -67.83 -3.73 9.51
C TRP E 148 -69.28 -3.57 9.95
N LYS E 149 -70.19 -4.04 9.13
CA LYS E 149 -71.60 -4.10 9.50
C LYS E 149 -72.23 -5.39 9.00
N ILE E 150 -73.18 -5.89 9.78
CA ILE E 150 -74.04 -6.99 9.40
C ILE E 150 -75.48 -6.50 9.60
N ASP E 151 -76.23 -6.40 8.50
CA ASP E 151 -77.61 -5.89 8.51
C ASP E 151 -77.71 -4.51 9.17
N GLY E 152 -76.79 -3.62 8.81
CA GLY E 152 -76.79 -2.26 9.31
C GLY E 152 -76.37 -2.07 10.76
N SER E 153 -75.78 -3.12 11.35
CA SER E 153 -75.38 -3.10 12.75
C SER E 153 -73.88 -3.33 12.86
N GLU E 154 -73.19 -2.45 13.59
CA GLU E 154 -71.73 -2.51 13.70
C GLU E 154 -71.26 -3.84 14.29
N ARG E 155 -70.12 -4.32 13.78
CA ARG E 155 -69.56 -5.61 14.17
C ARG E 155 -68.07 -5.42 14.41
N GLN E 156 -67.66 -5.52 15.67
CA GLN E 156 -66.30 -5.19 16.07
C GLN E 156 -65.40 -6.42 16.29
N ASN E 157 -65.99 -7.49 16.79
CA ASN E 157 -65.21 -8.70 17.10
C ASN E 157 -65.11 -9.65 15.89
N GLY E 158 -63.97 -10.34 15.81
CA GLY E 158 -63.65 -11.22 14.69
C GLY E 158 -62.96 -10.51 13.55
N VAL E 159 -62.46 -9.30 13.77
CA VAL E 159 -61.90 -8.45 12.72
C VAL E 159 -60.40 -8.36 12.85
N LEU E 160 -59.72 -8.82 11.81
CA LEU E 160 -58.26 -8.84 11.74
C LEU E 160 -57.85 -8.03 10.52
N ASN E 161 -57.03 -7.01 10.73
CA ASN E 161 -56.55 -6.16 9.65
C ASN E 161 -55.08 -6.45 9.38
N SER E 162 -54.59 -6.01 8.22
CA SER E 162 -53.19 -6.23 7.87
C SER E 162 -52.71 -5.20 6.84
N TRP E 163 -51.55 -4.61 7.09
CA TRP E 163 -51.04 -3.49 6.28
C TRP E 163 -49.80 -3.94 5.51
N THR E 164 -49.72 -3.56 4.24
CA THR E 164 -48.47 -3.76 3.49
C THR E 164 -47.50 -2.69 3.92
N ASP E 165 -46.22 -2.94 3.64
CA ASP E 165 -45.19 -1.91 3.72
C ASP E 165 -45.38 -0.95 2.54
N GLN E 166 -44.92 0.27 2.69
CA GLN E 166 -45.02 1.25 1.62
C GLN E 166 -44.51 0.65 0.30
N ASP E 167 -45.30 0.84 -0.76
CA ASP E 167 -44.93 0.41 -2.10
C ASP E 167 -43.75 1.24 -2.58
N SER E 168 -42.73 0.57 -3.10
CA SER E 168 -41.51 1.25 -3.54
C SER E 168 -41.70 2.06 -4.81
N LYS E 169 -42.58 1.60 -5.69
CA LYS E 169 -42.79 2.28 -6.97
C LYS E 169 -43.65 3.54 -6.84
N ASP E 170 -44.82 3.43 -6.22
CA ASP E 170 -45.78 4.55 -6.19
C ASP E 170 -46.03 5.17 -4.79
N SER E 171 -45.32 4.67 -3.77
CA SER E 171 -45.37 5.24 -2.40
C SER E 171 -46.71 5.11 -1.66
N THR E 172 -47.64 4.33 -2.21
CA THR E 172 -48.94 4.12 -1.56
C THR E 172 -48.88 2.97 -0.55
N TYR E 173 -49.94 2.83 0.24
CA TYR E 173 -50.09 1.75 1.19
C TYR E 173 -51.28 0.92 0.76
N SER E 174 -51.34 -0.32 1.22
CA SER E 174 -52.53 -1.15 1.04
C SER E 174 -52.85 -1.87 2.34
N MET E 175 -54.07 -2.37 2.45
CA MET E 175 -54.56 -2.92 3.70
C MET E 175 -55.73 -3.85 3.45
N SER E 176 -55.68 -5.05 4.05
CA SER E 176 -56.81 -5.97 4.05
C SER E 176 -57.43 -6.11 5.43
N SER E 177 -58.75 -6.04 5.49
CA SER E 177 -59.53 -6.33 6.69
C SER E 177 -60.33 -7.62 6.47
N THR E 178 -60.43 -8.45 7.51
CA THR E 178 -61.11 -9.74 7.39
C THR E 178 -62.05 -9.98 8.58
N LEU E 179 -63.33 -10.13 8.29
CA LEU E 179 -64.34 -10.48 9.28
C LEU E 179 -64.60 -11.99 9.24
N THR E 180 -64.17 -12.69 10.28
CA THR E 180 -64.35 -14.13 10.38
C THR E 180 -65.56 -14.49 11.24
N LEU E 181 -66.35 -15.44 10.74
CA LEU E 181 -67.54 -15.95 11.43
C LEU E 181 -67.63 -17.45 11.28
N THR E 182 -68.55 -18.04 12.03
CA THR E 182 -68.91 -19.44 11.84
C THR E 182 -69.91 -19.48 10.69
N LYS E 183 -69.96 -20.60 9.97
CA LYS E 183 -70.91 -20.77 8.87
C LYS E 183 -72.35 -20.44 9.30
N ASP E 184 -72.75 -20.91 10.48
CA ASP E 184 -74.12 -20.70 10.96
C ASP E 184 -74.49 -19.23 11.09
N GLU E 185 -73.61 -18.45 11.70
CA GLU E 185 -73.86 -17.02 11.90
C GLU E 185 -73.98 -16.26 10.58
N TYR E 186 -73.13 -16.61 9.62
CA TYR E 186 -73.13 -15.97 8.30
C TYR E 186 -74.43 -16.25 7.52
N GLU E 187 -75.01 -17.44 7.71
CA GLU E 187 -76.25 -17.82 7.02
C GLU E 187 -77.49 -17.18 7.65
N ARG E 188 -77.34 -16.68 8.87
CA ARG E 188 -78.46 -16.03 9.58
C ARG E 188 -78.62 -14.55 9.21
N HIS E 189 -77.69 -14.02 8.43
CA HIS E 189 -77.73 -12.60 8.06
C HIS E 189 -77.54 -12.40 6.56
N ASN E 190 -77.94 -11.24 6.05
CA ASN E 190 -77.99 -11.00 4.61
C ASN E 190 -76.99 -9.95 4.10
N SER E 191 -77.02 -8.77 4.71
CA SER E 191 -76.21 -7.65 4.24
C SER E 191 -74.88 -7.56 4.98
N TYR E 192 -73.78 -7.52 4.23
CA TYR E 192 -72.45 -7.38 4.83
C TYR E 192 -71.73 -6.19 4.18
N THR E 193 -71.21 -5.31 5.03
CA THR E 193 -70.68 -4.03 4.57
C THR E 193 -69.30 -3.75 5.15
N CYS E 194 -68.40 -3.29 4.28
CA CYS E 194 -67.08 -2.82 4.66
C CYS E 194 -67.07 -1.30 4.48
N GLU E 195 -66.61 -0.55 5.48
CA GLU E 195 -66.70 0.91 5.48
C GLU E 195 -65.35 1.56 5.80
N ALA E 196 -64.72 2.15 4.80
CA ALA E 196 -63.38 2.73 4.94
C ALA E 196 -63.39 4.26 5.12
N THR E 197 -62.81 4.74 6.21
CA THR E 197 -62.65 6.18 6.44
C THR E 197 -61.20 6.59 6.31
N HIS E 198 -60.98 7.66 5.56
CA HIS E 198 -59.66 8.12 5.21
C HIS E 198 -59.59 9.65 5.13
N LYS E 199 -58.42 10.20 5.41
CA LYS E 199 -58.16 11.62 5.31
C LYS E 199 -58.70 12.28 4.02
N THR E 200 -58.78 11.51 2.93
CA THR E 200 -59.25 12.03 1.64
C THR E 200 -60.74 12.34 1.55
N SER E 201 -61.52 12.03 2.59
CA SER E 201 -62.94 12.33 2.61
C SER E 201 -63.52 12.21 4.02
N THR E 202 -64.49 13.07 4.35
CA THR E 202 -65.20 12.95 5.65
C THR E 202 -66.26 11.84 5.58
N SER E 203 -66.77 11.58 4.39
CA SER E 203 -67.68 10.47 4.16
C SER E 203 -66.87 9.19 3.87
N PRO E 204 -67.21 8.08 4.52
CA PRO E 204 -66.52 6.82 4.28
C PRO E 204 -66.94 6.16 2.96
N ILE E 205 -65.99 5.50 2.30
CA ILE E 205 -66.27 4.70 1.11
C ILE E 205 -66.89 3.38 1.53
N VAL E 206 -68.07 3.08 1.02
CA VAL E 206 -68.85 1.92 1.44
C VAL E 206 -68.94 0.93 0.28
N LYS E 207 -68.61 -0.32 0.57
CA LYS E 207 -68.87 -1.44 -0.34
C LYS E 207 -69.71 -2.50 0.37
N SER E 208 -70.60 -3.13 -0.39
CA SER E 208 -71.56 -4.07 0.19
C SER E 208 -71.90 -5.22 -0.75
N PHE E 209 -72.56 -6.22 -0.18
CA PHE E 209 -73.17 -7.29 -0.96
C PHE E 209 -74.27 -7.93 -0.14
N ASN E 210 -75.17 -8.60 -0.83
CA ASN E 210 -76.19 -9.41 -0.17
C ASN E 210 -75.95 -10.88 -0.46
N ARG E 211 -76.17 -11.71 0.56
CA ARG E 211 -75.85 -13.13 0.49
C ARG E 211 -76.76 -13.85 -0.50
N ASN E 212 -78.07 -13.73 -0.28
CA ASN E 212 -79.07 -14.44 -1.10
C ASN E 212 -79.34 -13.81 -2.48
N GLU E 213 -78.71 -12.67 -2.77
CA GLU E 213 -78.86 -12.03 -4.07
C GLU E 213 -77.79 -12.53 -5.06
N CYS E 214 -78.05 -13.70 -5.63
CA CYS E 214 -77.17 -14.33 -6.61
C CYS E 214 -77.81 -15.61 -7.17
N GLN F 1 -22.51 -11.75 -10.33
CA GLN F 1 -21.63 -12.96 -10.30
C GLN F 1 -21.08 -13.21 -8.90
N VAL F 2 -21.85 -12.85 -7.87
CA VAL F 2 -21.54 -13.19 -6.48
C VAL F 2 -22.85 -13.27 -5.70
N GLN F 3 -23.18 -14.46 -5.20
CA GLN F 3 -24.36 -14.62 -4.35
C GLN F 3 -24.13 -15.59 -3.20
N LEU F 4 -25.00 -15.49 -2.21
CA LEU F 4 -25.05 -16.44 -1.10
C LEU F 4 -26.51 -16.85 -0.90
N LYS F 5 -26.74 -18.14 -0.67
CA LYS F 5 -28.09 -18.68 -0.50
C LYS F 5 -28.12 -19.57 0.72
N GLU F 6 -29.05 -19.29 1.62
CA GLU F 6 -29.15 -20.05 2.85
C GLU F 6 -30.38 -20.97 2.75
N SER F 7 -30.22 -22.21 3.22
CA SER F 7 -31.27 -23.21 3.22
C SER F 7 -31.38 -23.85 4.61
N GLY F 8 -32.59 -23.90 5.14
CA GLY F 8 -32.81 -24.40 6.48
C GLY F 8 -34.20 -24.95 6.70
N PRO F 9 -34.42 -25.55 7.87
CA PRO F 9 -35.60 -26.38 8.10
C PRO F 9 -36.92 -25.61 8.17
N GLY F 10 -36.91 -24.36 8.62
CA GLY F 10 -38.12 -23.57 8.72
C GLY F 10 -38.78 -23.69 10.08
N LEU F 11 -38.84 -24.91 10.61
CA LEU F 11 -39.39 -25.18 11.92
C LEU F 11 -38.53 -26.17 12.72
N VAL F 12 -38.26 -25.82 13.96
CA VAL F 12 -37.66 -26.74 14.91
C VAL F 12 -38.25 -26.49 16.31
N ALA F 13 -38.48 -27.56 17.07
CA ALA F 13 -39.08 -27.43 18.39
C ALA F 13 -38.01 -27.06 19.41
N PRO F 14 -38.40 -26.41 20.50
CA PRO F 14 -37.47 -26.11 21.59
C PRO F 14 -36.63 -27.32 22.00
N SER F 15 -35.34 -27.10 22.28
CA SER F 15 -34.38 -28.11 22.75
C SER F 15 -33.74 -28.93 21.64
N GLN F 16 -34.27 -28.86 20.42
CA GLN F 16 -33.71 -29.62 19.29
C GLN F 16 -32.63 -28.78 18.62
N SER F 17 -31.89 -29.39 17.71
CA SER F 17 -30.76 -28.71 17.09
C SER F 17 -31.16 -28.04 15.76
N LEU F 18 -30.29 -27.17 15.27
CA LEU F 18 -30.54 -26.40 14.06
C LEU F 18 -29.36 -26.49 13.12
N SER F 19 -29.64 -26.79 11.86
CA SER F 19 -28.62 -26.80 10.82
C SER F 19 -29.05 -25.94 9.65
N ILE F 20 -28.27 -24.91 9.36
CA ILE F 20 -28.44 -24.12 8.15
C ILE F 20 -27.14 -24.18 7.35
N THR F 21 -27.28 -24.27 6.03
CA THR F 21 -26.16 -24.28 5.13
C THR F 21 -26.21 -23.01 4.28
N CYS F 22 -25.07 -22.35 4.13
CA CYS F 22 -24.94 -21.22 3.24
C CYS F 22 -24.23 -21.75 2.02
N THR F 23 -24.88 -21.68 0.87
CA THR F 23 -24.26 -22.05 -0.38
C THR F 23 -23.79 -20.80 -1.11
N VAL F 24 -22.53 -20.84 -1.50
CA VAL F 24 -21.79 -19.68 -1.96
C VAL F 24 -21.41 -19.93 -3.42
N SER F 25 -21.42 -18.88 -4.23
CA SER F 25 -20.94 -18.94 -5.62
C SER F 25 -20.35 -17.61 -6.08
N GLY F 26 -19.59 -17.66 -7.17
CA GLY F 26 -18.93 -16.49 -7.71
C GLY F 26 -17.61 -16.14 -7.04
N PHE F 27 -17.25 -16.90 -6.01
CA PHE F 27 -16.00 -16.71 -5.27
C PHE F 27 -15.68 -17.95 -4.43
N SER F 28 -14.46 -17.99 -3.91
CA SER F 28 -13.95 -19.15 -3.19
C SER F 28 -13.88 -18.89 -1.68
N LEU F 29 -14.24 -19.89 -0.89
CA LEU F 29 -14.24 -19.76 0.57
C LEU F 29 -12.84 -19.74 1.17
N ILE F 30 -11.86 -20.21 0.42
CA ILE F 30 -10.47 -20.15 0.88
C ILE F 30 -10.05 -18.70 1.11
N GLY F 31 -10.63 -17.76 0.34
CA GLY F 31 -10.19 -16.39 0.35
C GLY F 31 -10.95 -15.40 1.21
N TYR F 32 -12.13 -15.77 1.70
CA TYR F 32 -13.05 -14.81 2.29
C TYR F 32 -13.73 -15.30 3.58
N ASP F 33 -13.86 -14.40 4.55
CA ASP F 33 -14.62 -14.66 5.78
C ASP F 33 -16.10 -14.78 5.47
N ILE F 34 -16.81 -15.58 6.26
CA ILE F 34 -18.25 -15.65 6.17
C ILE F 34 -18.85 -15.34 7.54
N ASN F 35 -19.79 -14.43 7.55
CA ASN F 35 -20.44 -14.02 8.78
C ASN F 35 -21.89 -14.50 8.79
N TRP F 36 -22.36 -14.80 9.99
CA TRP F 36 -23.72 -15.20 10.23
C TRP F 36 -24.41 -14.12 11.04
N VAL F 37 -25.66 -13.85 10.71
CA VAL F 37 -26.41 -12.72 11.24
C VAL F 37 -27.86 -13.18 11.44
N ARG F 38 -28.61 -12.46 12.26
CA ARG F 38 -29.92 -12.92 12.67
C ARG F 38 -30.84 -11.74 12.99
N GLN F 39 -32.05 -11.75 12.44
CA GLN F 39 -33.03 -10.69 12.69
C GLN F 39 -34.36 -11.27 13.20
N PRO F 40 -34.60 -11.19 14.50
CA PRO F 40 -35.92 -11.58 15.05
C PRO F 40 -37.02 -10.69 14.49
N PRO F 41 -38.23 -11.22 14.31
CA PRO F 41 -39.35 -10.45 13.77
C PRO F 41 -39.53 -9.10 14.46
N GLY F 42 -39.47 -8.01 13.70
CA GLY F 42 -39.66 -6.67 14.22
C GLY F 42 -38.59 -6.21 15.20
N LYS F 43 -37.34 -6.62 14.96
CA LYS F 43 -36.23 -6.29 15.85
C LYS F 43 -34.93 -6.11 15.04
N GLY F 44 -33.90 -5.62 15.71
CA GLY F 44 -32.64 -5.31 15.06
C GLY F 44 -31.77 -6.52 14.75
N LEU F 45 -30.84 -6.31 13.82
CA LEU F 45 -29.88 -7.35 13.43
C LEU F 45 -28.91 -7.67 14.55
N GLU F 46 -28.44 -8.91 14.54
CA GLU F 46 -27.56 -9.42 15.56
C GLU F 46 -26.54 -10.34 14.89
N TRP F 47 -25.25 -10.01 15.05
CA TRP F 47 -24.15 -10.81 14.58
C TRP F 47 -24.00 -12.07 15.46
N LEU F 48 -24.05 -13.23 14.81
CA LEU F 48 -23.90 -14.53 15.48
C LEU F 48 -22.46 -15.01 15.58
N GLY F 49 -21.71 -14.90 14.49
CA GLY F 49 -20.34 -15.40 14.45
C GLY F 49 -19.77 -15.37 13.05
N MET F 50 -18.55 -15.86 12.89
CA MET F 50 -17.93 -15.86 11.57
C MET F 50 -16.93 -16.98 11.43
N ILE F 51 -16.78 -17.50 10.23
CA ILE F 51 -15.65 -18.37 9.92
C ILE F 51 -14.72 -17.62 9.00
N TRP F 52 -13.49 -17.39 9.49
CA TRP F 52 -12.46 -16.67 8.74
C TRP F 52 -12.03 -17.50 7.54
N GLY F 53 -11.27 -16.88 6.65
CA GLY F 53 -10.71 -17.57 5.50
C GLY F 53 -9.94 -18.83 5.86
N ASP F 54 -9.14 -18.75 6.93
CA ASP F 54 -8.27 -19.88 7.34
C ASP F 54 -8.95 -20.98 8.17
N GLY F 55 -10.27 -20.90 8.34
CA GLY F 55 -11.02 -21.97 9.00
C GLY F 55 -11.33 -21.73 10.46
N THR F 56 -10.62 -20.78 11.06
CA THR F 56 -10.82 -20.35 12.44
C THR F 56 -12.19 -19.71 12.64
N THR F 57 -12.68 -19.70 13.89
CA THR F 57 -14.00 -19.14 14.20
C THR F 57 -14.04 -18.19 15.41
N ASP F 58 -15.08 -17.36 15.44
CA ASP F 58 -15.40 -16.53 16.59
C ASP F 58 -16.93 -16.43 16.70
N TYR F 59 -17.45 -16.50 17.92
CA TYR F 59 -18.88 -16.47 18.17
C TYR F 59 -19.24 -15.37 19.14
N ASN F 60 -20.47 -14.90 19.04
CA ASN F 60 -21.05 -14.02 20.05
C ASN F 60 -21.14 -14.78 21.36
N SER F 61 -20.55 -14.21 22.41
CA SER F 61 -20.58 -14.85 23.73
C SER F 61 -21.99 -14.97 24.30
N ALA F 62 -22.93 -14.16 23.79
CA ALA F 62 -24.34 -14.21 24.23
C ALA F 62 -24.99 -15.57 23.99
N LEU F 63 -24.47 -16.28 23.00
CA LEU F 63 -24.98 -17.59 22.61
C LEU F 63 -24.53 -18.72 23.53
N LYS F 64 -23.60 -18.43 24.42
CA LYS F 64 -23.17 -19.38 25.44
C LYS F 64 -22.69 -20.70 24.83
N SER F 65 -21.90 -20.57 23.77
CA SER F 65 -21.19 -21.71 23.18
C SER F 65 -22.13 -22.69 22.46
N ARG F 66 -23.36 -22.27 22.24
CA ARG F 66 -24.37 -23.14 21.64
C ARG F 66 -24.24 -23.16 20.13
N LEU F 67 -23.53 -22.19 19.58
CA LEU F 67 -23.37 -22.05 18.14
C LEU F 67 -21.99 -22.47 17.67
N SER F 68 -21.93 -23.06 16.48
CA SER F 68 -20.69 -23.46 15.85
C SER F 68 -20.79 -23.35 14.33
N ILE F 69 -19.68 -22.95 13.70
CA ILE F 69 -19.61 -22.80 12.26
C ILE F 69 -18.46 -23.65 11.73
N SER F 70 -18.70 -24.35 10.63
CA SER F 70 -17.66 -25.10 9.94
C SER F 70 -17.84 -24.89 8.45
N LYS F 71 -16.84 -25.26 7.66
CA LYS F 71 -16.96 -25.10 6.21
C LYS F 71 -16.20 -26.18 5.42
N ASP F 72 -16.67 -26.38 4.19
CA ASP F 72 -15.99 -27.24 3.23
C ASP F 72 -15.68 -26.38 2.01
N ASN F 73 -14.42 -26.00 1.86
CA ASN F 73 -14.00 -25.11 0.78
C ASN F 73 -14.27 -25.64 -0.64
N SER F 74 -14.04 -26.93 -0.85
CA SER F 74 -14.27 -27.55 -2.16
C SER F 74 -15.74 -27.52 -2.59
N LYS F 75 -16.64 -27.67 -1.62
CA LYS F 75 -18.08 -27.75 -1.90
C LYS F 75 -18.78 -26.38 -1.86
N SER F 76 -18.03 -25.32 -1.51
CA SER F 76 -18.54 -23.96 -1.44
C SER F 76 -19.70 -23.78 -0.46
N GLN F 77 -19.57 -24.40 0.71
CA GLN F 77 -20.65 -24.41 1.70
C GLN F 77 -20.14 -24.08 3.10
N VAL F 78 -20.92 -23.25 3.81
CA VAL F 78 -20.66 -22.98 5.22
C VAL F 78 -21.84 -23.50 6.04
N PHE F 79 -21.54 -24.03 7.22
CA PHE F 79 -22.53 -24.75 8.01
C PHE F 79 -22.71 -24.08 9.35
N LEU F 80 -23.91 -23.57 9.59
CA LEU F 80 -24.30 -23.10 10.91
C LEU F 80 -24.95 -24.25 11.67
N LYS F 81 -24.55 -24.44 12.93
CA LYS F 81 -25.16 -25.43 13.80
C LYS F 81 -25.42 -24.82 15.18
N MET F 82 -26.62 -25.02 15.72
CA MET F 82 -27.00 -24.47 17.01
C MET F 82 -27.73 -25.53 17.80
N ASN F 83 -27.33 -25.73 19.06
CA ASN F 83 -28.03 -26.69 19.93
C ASN F 83 -28.92 -25.98 20.96
N SER F 84 -29.85 -26.75 21.54
CA SER F 84 -30.68 -26.28 22.64
C SER F 84 -31.47 -25.00 22.30
N LEU F 85 -32.18 -25.05 21.19
CA LEU F 85 -32.91 -23.87 20.71
C LEU F 85 -33.98 -23.41 21.71
N ARG F 86 -34.29 -22.13 21.65
CA ARG F 86 -35.39 -21.53 22.42
C ARG F 86 -36.26 -20.74 21.46
N THR F 87 -37.41 -20.28 21.94
CA THR F 87 -38.26 -19.39 21.15
C THR F 87 -37.55 -18.06 20.84
N ASP F 88 -36.55 -17.72 21.65
CA ASP F 88 -35.71 -16.53 21.43
C ASP F 88 -34.87 -16.62 20.16
N ASP F 89 -34.65 -17.83 19.66
CA ASP F 89 -33.89 -18.03 18.44
C ASP F 89 -34.75 -17.90 17.17
N THR F 90 -36.03 -17.65 17.36
CA THR F 90 -36.93 -17.35 16.25
C THR F 90 -36.42 -16.10 15.57
N ALA F 91 -35.98 -16.28 14.33
CA ALA F 91 -35.49 -15.19 13.53
C ALA F 91 -35.28 -15.61 12.07
N THR F 92 -35.04 -14.62 11.21
CA THR F 92 -34.46 -14.84 9.89
C THR F 92 -32.93 -14.86 10.05
N TYR F 93 -32.29 -15.86 9.46
CA TYR F 93 -30.85 -16.05 9.57
C TYR F 93 -30.20 -15.81 8.22
N SER F 94 -29.18 -14.98 8.17
CA SER F 94 -28.47 -14.71 6.92
C SER F 94 -26.95 -14.86 7.05
N CYS F 95 -26.33 -15.28 5.95
CA CYS F 95 -24.87 -15.29 5.85
C CYS F 95 -24.44 -14.12 4.97
N ALA F 96 -23.24 -13.62 5.22
CA ALA F 96 -22.73 -12.44 4.53
C ALA F 96 -21.23 -12.55 4.35
N ARG F 97 -20.73 -12.18 3.19
CA ARG F 97 -19.30 -12.24 2.97
C ARG F 97 -18.65 -11.03 3.61
N GLY F 98 -17.48 -11.24 4.19
CA GLY F 98 -16.66 -10.18 4.71
C GLY F 98 -15.78 -9.65 3.60
N GLY F 99 -15.60 -8.33 3.57
CA GLY F 99 -14.70 -7.70 2.62
C GLY F 99 -13.82 -6.69 3.32
N TYR F 100 -12.59 -6.55 2.81
CA TYR F 100 -11.60 -5.68 3.41
C TYR F 100 -11.19 -4.58 2.46
N TYR F 101 -11.03 -3.38 2.99
CA TYR F 101 -10.32 -2.30 2.30
C TYR F 101 -8.96 -2.19 2.98
N TYR F 102 -7.95 -2.81 2.37
CA TYR F 102 -6.69 -3.08 3.03
C TYR F 102 -6.98 -3.71 4.39
N GLY F 103 -5.98 -3.77 5.26
CA GLY F 103 -6.22 -4.11 6.65
C GLY F 103 -6.72 -2.92 7.47
N THR F 104 -7.20 -1.88 6.78
CA THR F 104 -7.61 -0.64 7.44
C THR F 104 -9.05 -0.71 7.94
N SER F 105 -9.95 -1.28 7.14
CA SER F 105 -11.36 -1.39 7.50
C SER F 105 -12.01 -2.67 6.98
N TYR F 106 -13.11 -3.05 7.60
CA TYR F 106 -13.80 -4.33 7.32
C TYR F 106 -15.30 -4.14 7.27
N TYR F 107 -15.96 -4.90 6.38
CA TYR F 107 -17.37 -4.69 6.06
C TYR F 107 -18.01 -5.96 5.50
N PHE F 108 -19.34 -5.94 5.29
CA PHE F 108 -20.04 -7.08 4.71
C PHE F 108 -20.56 -6.72 3.31
N ASP F 109 -19.80 -7.08 2.28
CA ASP F 109 -20.11 -6.61 0.93
C ASP F 109 -21.21 -7.36 0.19
N TYR F 110 -21.49 -8.61 0.57
CA TYR F 110 -22.55 -9.39 -0.10
C TYR F 110 -23.38 -10.18 0.88
N TRP F 111 -24.69 -10.13 0.72
CA TRP F 111 -25.61 -10.70 1.69
C TRP F 111 -26.52 -11.67 1.02
N GLY F 112 -26.78 -12.78 1.70
CA GLY F 112 -27.80 -13.71 1.29
C GLY F 112 -29.17 -13.17 1.60
N GLN F 113 -30.20 -13.78 0.99
CA GLN F 113 -31.59 -13.35 1.13
C GLN F 113 -32.13 -13.53 2.54
N GLY F 114 -31.81 -14.67 3.16
CA GLY F 114 -32.24 -15.01 4.51
C GLY F 114 -33.20 -16.19 4.51
N THR F 115 -33.00 -17.14 5.43
CA THR F 115 -33.98 -18.20 5.68
C THR F 115 -34.73 -17.94 6.99
N THR F 116 -36.05 -18.02 6.92
CA THR F 116 -36.89 -17.82 8.10
C THR F 116 -36.90 -19.07 8.96
N LEU F 117 -36.68 -18.88 10.26
CA LEU F 117 -36.73 -19.96 11.24
C LEU F 117 -37.63 -19.61 12.42
N THR F 118 -38.61 -20.47 12.66
CA THR F 118 -39.52 -20.35 13.79
C THR F 118 -39.21 -21.49 14.74
N VAL F 119 -39.08 -21.17 16.02
CA VAL F 119 -38.86 -22.17 17.05
C VAL F 119 -40.14 -22.26 17.86
N SER F 120 -40.78 -23.42 17.83
CA SER F 120 -42.09 -23.58 18.47
C SER F 120 -42.48 -25.05 18.58
N SER F 121 -43.31 -25.36 19.58
CA SER F 121 -43.83 -26.72 19.81
C SER F 121 -44.95 -27.10 18.83
N ALA F 122 -45.58 -26.11 18.22
CA ALA F 122 -46.68 -26.33 17.29
C ALA F 122 -46.24 -27.14 16.08
N SER F 123 -47.21 -27.76 15.42
CA SER F 123 -46.95 -28.67 14.30
C SER F 123 -47.15 -27.95 12.97
N THR F 124 -46.41 -28.40 11.96
CA THR F 124 -46.61 -27.96 10.59
C THR F 124 -48.06 -28.20 10.16
N THR F 125 -48.74 -27.14 9.75
CA THR F 125 -50.08 -27.23 9.18
C THR F 125 -50.08 -26.60 7.79
N PRO F 126 -50.53 -27.33 6.77
CA PRO F 126 -50.60 -26.76 5.42
C PRO F 126 -51.78 -25.80 5.31
N PRO F 127 -51.71 -24.85 4.38
CA PRO F 127 -52.76 -23.84 4.21
C PRO F 127 -53.93 -24.35 3.39
N SER F 128 -55.15 -24.01 3.78
CA SER F 128 -56.30 -24.10 2.88
C SER F 128 -56.30 -22.84 2.02
N VAL F 129 -56.56 -22.98 0.71
CA VAL F 129 -56.55 -21.86 -0.20
C VAL F 129 -57.93 -21.69 -0.82
N TYR F 130 -58.47 -20.47 -0.70
CA TYR F 130 -59.81 -20.15 -1.16
C TYR F 130 -59.78 -19.00 -2.17
N PRO F 131 -60.62 -19.08 -3.20
CA PRO F 131 -60.71 -18.00 -4.20
C PRO F 131 -61.56 -16.86 -3.66
N LEU F 132 -61.34 -15.65 -4.18
CA LEU F 132 -62.17 -14.51 -3.81
C LEU F 132 -62.71 -13.87 -5.09
N ALA F 133 -63.89 -14.32 -5.48
CA ALA F 133 -64.56 -13.81 -6.68
C ALA F 133 -65.40 -12.61 -6.27
N PRO F 134 -65.53 -11.62 -7.16
CA PRO F 134 -66.27 -10.40 -6.83
C PRO F 134 -67.78 -10.60 -6.61
N VAL F 135 -68.46 -9.51 -6.31
CA VAL F 135 -69.88 -9.53 -5.99
C VAL F 135 -70.78 -9.66 -7.21
N CYS F 136 -72.02 -10.09 -6.97
CA CYS F 136 -73.06 -10.16 -7.99
C CYS F 136 -73.33 -8.79 -8.59
N SER F 142 -64.17 -0.92 -15.56
CA SER F 142 -62.80 -0.45 -15.64
C SER F 142 -61.84 -1.61 -15.30
N SER F 143 -61.24 -1.58 -14.10
CA SER F 143 -60.36 -2.64 -13.65
C SER F 143 -61.07 -3.45 -12.56
N VAL F 144 -60.84 -4.76 -12.54
CA VAL F 144 -61.47 -5.66 -11.57
C VAL F 144 -60.43 -6.23 -10.61
N THR F 145 -60.81 -6.34 -9.33
CA THR F 145 -59.92 -6.84 -8.29
C THR F 145 -60.34 -8.24 -7.88
N LEU F 146 -59.39 -9.17 -7.91
CA LEU F 146 -59.62 -10.56 -7.51
C LEU F 146 -58.72 -10.92 -6.32
N GLY F 147 -58.93 -12.10 -5.73
CA GLY F 147 -58.22 -12.44 -4.52
C GLY F 147 -58.01 -13.90 -4.17
N CYS F 148 -57.24 -14.09 -3.10
CA CYS F 148 -56.81 -15.40 -2.65
C CYS F 148 -56.65 -15.35 -1.14
N LEU F 149 -57.51 -16.05 -0.43
CA LEU F 149 -57.39 -16.22 1.01
C LEU F 149 -56.61 -17.51 1.29
N VAL F 150 -55.57 -17.39 2.11
CA VAL F 150 -54.69 -18.50 2.46
C VAL F 150 -54.76 -18.66 3.97
N LYS F 151 -55.59 -19.58 4.41
CA LYS F 151 -55.99 -19.68 5.81
C LYS F 151 -55.34 -20.86 6.52
N GLY F 152 -54.99 -20.65 7.78
CA GLY F 152 -54.69 -21.75 8.68
C GLY F 152 -53.45 -22.57 8.40
N TYR F 153 -52.31 -21.91 8.22
CA TYR F 153 -51.03 -22.60 8.05
C TYR F 153 -50.02 -22.24 9.15
N PHE F 154 -48.92 -23.01 9.19
CA PHE F 154 -47.85 -22.78 10.14
C PHE F 154 -46.67 -23.68 9.72
N PRO F 155 -45.43 -23.20 9.78
CA PRO F 155 -45.08 -21.81 10.10
C PRO F 155 -45.07 -20.95 8.85
N GLU F 156 -44.61 -19.72 9.01
CA GLU F 156 -44.28 -18.86 7.89
C GLU F 156 -43.01 -19.38 7.22
N PRO F 157 -42.74 -18.97 5.99
CA PRO F 157 -43.66 -18.18 5.17
C PRO F 157 -44.41 -19.03 4.16
N VAL F 158 -45.37 -18.39 3.50
CA VAL F 158 -45.88 -18.83 2.22
C VAL F 158 -45.40 -17.81 1.21
N THR F 159 -45.22 -18.24 -0.04
CA THR F 159 -45.07 -17.32 -1.15
C THR F 159 -46.27 -17.44 -2.06
N LEU F 160 -46.68 -16.30 -2.62
CA LEU F 160 -47.89 -16.23 -3.41
C LEU F 160 -47.59 -15.50 -4.71
N THR F 161 -47.84 -16.16 -5.82
CA THR F 161 -47.77 -15.53 -7.14
C THR F 161 -49.10 -15.67 -7.87
N TRP F 162 -49.21 -14.95 -8.98
CA TRP F 162 -50.38 -15.05 -9.86
C TRP F 162 -49.91 -15.40 -11.28
N ASN F 163 -50.61 -16.34 -11.91
CA ASN F 163 -50.20 -16.91 -13.22
C ASN F 163 -48.70 -17.21 -13.25
N SER F 164 -48.25 -17.94 -12.24
CA SER F 164 -46.86 -18.37 -12.08
C SER F 164 -45.83 -17.25 -12.26
N GLY F 165 -46.16 -16.06 -11.73
CA GLY F 165 -45.28 -14.91 -11.76
C GLY F 165 -45.59 -13.87 -12.82
N SER F 166 -46.13 -14.32 -13.96
CA SER F 166 -46.37 -13.45 -15.13
C SER F 166 -47.27 -12.24 -14.84
N LEU F 167 -48.26 -12.45 -13.99
CA LEU F 167 -49.15 -11.38 -13.55
C LEU F 167 -48.54 -10.71 -12.30
N SER F 168 -47.64 -9.76 -12.51
CA SER F 168 -46.85 -9.19 -11.43
C SER F 168 -47.36 -7.81 -11.00
N SER F 169 -47.89 -7.03 -11.95
CA SER F 169 -48.37 -5.69 -11.67
C SER F 169 -49.66 -5.71 -10.85
N GLY F 170 -49.81 -4.70 -9.99
CA GLY F 170 -51.01 -4.55 -9.20
C GLY F 170 -51.27 -5.70 -8.25
N VAL F 171 -50.19 -6.33 -7.77
CA VAL F 171 -50.32 -7.43 -6.83
C VAL F 171 -49.98 -6.93 -5.42
N HIS F 172 -50.84 -7.27 -4.48
CA HIS F 172 -50.64 -6.95 -3.08
C HIS F 172 -50.80 -8.20 -2.24
N THR F 173 -49.69 -8.70 -1.70
CA THR F 173 -49.75 -9.80 -0.76
C THR F 173 -49.53 -9.22 0.62
N PHE F 174 -50.56 -9.35 1.45
CA PHE F 174 -50.57 -8.73 2.76
C PHE F 174 -49.83 -9.62 3.76
N PRO F 175 -49.10 -9.02 4.69
CA PRO F 175 -48.43 -9.80 5.73
C PRO F 175 -49.42 -10.67 6.48
N ALA F 176 -48.97 -11.85 6.91
CA ALA F 176 -49.82 -12.80 7.61
C ALA F 176 -50.17 -12.33 9.01
N VAL F 177 -51.30 -12.81 9.49
CA VAL F 177 -51.75 -12.56 10.84
C VAL F 177 -51.84 -13.90 11.60
N LEU F 178 -51.46 -13.88 12.87
CA LEU F 178 -51.38 -15.08 13.70
C LEU F 178 -52.50 -15.07 14.73
N GLN F 179 -53.41 -16.02 14.63
CA GLN F 179 -54.46 -16.19 15.62
C GLN F 179 -54.60 -17.68 15.97
N SER F 180 -54.38 -18.00 17.24
CA SER F 180 -54.51 -19.37 17.77
C SER F 180 -53.54 -20.34 17.10
N ASP F 181 -52.26 -19.96 17.05
CA ASP F 181 -51.16 -20.75 16.48
C ASP F 181 -51.24 -21.02 14.95
N LEU F 182 -52.10 -20.29 14.24
CA LEU F 182 -52.26 -20.49 12.80
C LEU F 182 -52.22 -19.15 12.06
N TYR F 183 -51.58 -19.15 10.90
CA TYR F 183 -51.41 -17.94 10.09
C TYR F 183 -52.48 -17.86 9.00
N THR F 184 -52.95 -16.64 8.75
CA THR F 184 -53.89 -16.36 7.69
C THR F 184 -53.40 -15.15 6.90
N LEU F 185 -53.48 -15.25 5.58
CA LEU F 185 -52.92 -14.26 4.70
C LEU F 185 -53.85 -14.05 3.52
N SER F 186 -53.84 -12.85 2.95
CA SER F 186 -54.60 -12.62 1.72
C SER F 186 -53.69 -12.00 0.66
N SER F 187 -54.10 -12.16 -0.59
CA SER F 187 -53.43 -11.52 -1.71
C SER F 187 -54.47 -11.02 -2.70
N SER F 188 -54.20 -9.88 -3.30
CA SER F 188 -55.06 -9.34 -4.35
C SER F 188 -54.30 -9.06 -5.63
N VAL F 189 -55.06 -9.06 -6.73
CA VAL F 189 -54.57 -8.71 -8.04
C VAL F 189 -55.62 -7.89 -8.78
N THR F 190 -55.18 -6.88 -9.52
CA THR F 190 -56.09 -6.10 -10.34
C THR F 190 -55.77 -6.30 -11.82
N VAL F 191 -56.76 -6.80 -12.54
CA VAL F 191 -56.65 -7.05 -13.97
C VAL F 191 -57.78 -6.32 -14.68
N THR F 192 -57.81 -6.41 -16.01
CA THR F 192 -58.80 -5.70 -16.79
C THR F 192 -60.11 -6.48 -16.85
N SER F 193 -61.23 -5.77 -16.96
CA SER F 193 -62.56 -6.38 -16.97
C SER F 193 -62.80 -7.26 -18.20
N SER F 194 -62.19 -6.89 -19.33
CA SER F 194 -62.21 -7.73 -20.52
C SER F 194 -61.33 -8.96 -20.30
N THR F 195 -60.20 -8.73 -19.62
CA THR F 195 -59.24 -9.78 -19.27
C THR F 195 -59.82 -10.85 -18.34
N TRP F 196 -60.86 -10.51 -17.58
CA TRP F 196 -61.54 -11.47 -16.71
C TRP F 196 -63.05 -11.29 -16.76
N PRO F 197 -63.83 -12.38 -16.80
CA PRO F 197 -63.33 -13.77 -16.74
C PRO F 197 -62.99 -14.44 -18.08
N SER F 198 -62.75 -13.66 -19.14
CA SER F 198 -62.50 -14.26 -20.45
C SER F 198 -61.26 -15.16 -20.44
N GLN F 199 -60.13 -14.64 -19.95
CA GLN F 199 -58.92 -15.43 -19.76
C GLN F 199 -58.79 -15.81 -18.29
N SER F 200 -58.26 -17.00 -18.03
CA SER F 200 -58.22 -17.55 -16.68
C SER F 200 -57.16 -16.88 -15.81
N ILE F 201 -57.47 -16.75 -14.53
CA ILE F 201 -56.55 -16.19 -13.54
C ILE F 201 -56.39 -17.16 -12.39
N THR F 202 -55.15 -17.52 -12.09
CA THR F 202 -54.87 -18.56 -11.12
C THR F 202 -53.95 -18.07 -10.02
N CYS F 203 -54.11 -18.68 -8.86
CA CYS F 203 -53.43 -18.27 -7.66
C CYS F 203 -52.49 -19.40 -7.26
N ASN F 204 -51.20 -19.12 -7.22
CA ASN F 204 -50.22 -20.14 -6.85
C ASN F 204 -49.71 -19.84 -5.46
N VAL F 205 -49.68 -20.86 -4.61
CA VAL F 205 -49.35 -20.71 -3.21
C VAL F 205 -48.38 -21.81 -2.80
N ALA F 206 -47.14 -21.42 -2.54
CA ALA F 206 -46.13 -22.35 -2.02
C ALA F 206 -46.05 -22.24 -0.50
N HIS F 207 -45.84 -23.37 0.16
CA HIS F 207 -45.61 -23.43 1.58
C HIS F 207 -44.50 -24.46 1.82
N PRO F 208 -43.24 -24.05 1.68
CA PRO F 208 -42.07 -24.92 1.87
C PRO F 208 -42.06 -25.86 3.09
N ALA F 209 -42.60 -25.43 4.22
CA ALA F 209 -42.53 -26.22 5.45
C ALA F 209 -43.30 -27.54 5.35
N SER F 210 -44.46 -27.50 4.68
CA SER F 210 -45.27 -28.70 4.42
C SER F 210 -45.03 -29.27 3.02
N SER F 211 -44.15 -28.62 2.26
CA SER F 211 -43.83 -29.00 0.87
C SER F 211 -45.08 -29.08 -0.01
N THR F 212 -46.09 -28.27 0.31
CA THR F 212 -47.33 -28.22 -0.46
C THR F 212 -47.29 -27.09 -1.46
N LYS F 213 -47.92 -27.29 -2.60
CA LYS F 213 -48.02 -26.30 -3.65
C LYS F 213 -49.41 -26.41 -4.28
N VAL F 214 -50.20 -25.35 -4.17
CA VAL F 214 -51.60 -25.41 -4.61
C VAL F 214 -51.88 -24.28 -5.59
N ASP F 215 -52.74 -24.55 -6.56
CA ASP F 215 -53.20 -23.56 -7.50
C ASP F 215 -54.70 -23.45 -7.39
N LYS F 216 -55.22 -22.22 -7.29
CA LYS F 216 -56.65 -22.00 -7.23
C LYS F 216 -57.11 -21.01 -8.28
N LYS F 217 -57.85 -21.51 -9.27
CA LYS F 217 -58.44 -20.68 -10.31
C LYS F 217 -59.60 -19.89 -9.70
N ILE F 218 -59.74 -18.64 -10.12
CA ILE F 218 -60.80 -17.76 -9.64
C ILE F 218 -61.93 -17.81 -10.65
N GLU F 219 -63.09 -18.30 -10.23
CA GLU F 219 -64.25 -18.46 -11.12
C GLU F 219 -65.41 -17.61 -10.61
N PRO F 220 -66.15 -16.97 -11.52
CA PRO F 220 -67.29 -16.12 -11.13
C PRO F 220 -68.44 -16.94 -10.54
N ARG F 221 -69.42 -16.25 -9.98
CA ARG F 221 -70.58 -16.90 -9.38
C ARG F 221 -71.65 -17.19 -10.44
#